data_7WDK
#
_entry.id   7WDK
#
_cell.length_a   1.00
_cell.length_b   1.00
_cell.length_c   1.00
_cell.angle_alpha   90.00
_cell.angle_beta   90.00
_cell.angle_gamma   90.00
#
_symmetry.space_group_name_H-M   'P 1'
#
loop_
_entity.id
_entity.type
_entity.pdbx_description
1 polymer 'Phospholipase D'
2 polymer 'Tli4_C domain-containing protein'
#
loop_
_entity_poly.entity_id
_entity_poly.type
_entity_poly.pdbx_seq_one_letter_code
_entity_poly.pdbx_strand_id
1 'polypeptide(L)'
;MLQKKPYNGLHEKELNQINQQDGSPCVAISAPGCFIKGSNLFSEKRAGNRVRFFTTGRDYFSDLASALDSASSSIFITGW
QVNYDVLLDGRRSLWQCLRQALERSPALKVYVMPWLSPSGSLGTYDFETMLAVFQLNAGLEGGARAFCTPAIQQSDMQGL
GVAFSHHQKSVVIDNRIGYVGGIDLAYGRRDDNDFSLDASGRRGNDAYNPGLPHLGWMAEDEHVSSMGLMMATLFDLSRP
LASLTLHAPTLRLSPFPHIAASDEPLLSIPLAPSRARALNGAAYLSDLFRSPMLPSLQWLGRAYNSSKEGLDEGFERLDA
LRRQMVASSIRAIANLIADNLDALPIEPELERRLRAWLEELRTAALNLPEALRIKSLLLINQWMSETELGQVLTLISGKG
FEDIPQNLSGKAGELAGSLFWTLHRLMQARAGGHQQPYRYLDEAPQPLASPDNARLAADQPRMPWQDVHCRIEGPSVYDL
ARNFIDRWNGQQAYLAKTPALQDTALVRSALEAVMKWLNSLAAAAGLENYLDEKRNLRLELDPPTPCWINAPEQLPQEPE
VRRGGMTVQVLRSAAARMLEQEQAGRLGAGVNLPLQVGVSTEGVQSNCKDAMLLAISGAQQFIYIENQFFQSEFGKEGEV
FKDLPLSGPMASLRDVGSLRRDFVVRIRLEEALEQRDLWLLDWAEVEKIAQEPGTEARQFLKSMLAMWGVNAQGWLTHKL
GEAQHGLLNEIGEALARRIERAIQREHPFHVYLVLPVHPEGALNVPNIMHQVHLTQQSLVFGEQSLVKRIQRQMALKALE
GKSDPAQAREIIERKDARGRPVYEQQDWSRYLTLLNLRTWAVLGGRVVTEQIYVHSKLLIADDRVAILGSANINDRSLQG
ERDSELAVMVRDSEPLTVRLDGKNDAIVGKAIHQLRVNLWKKHFGLSQGPGGFVKPASELSAYLSIPAAQEAWEAIQTLA
KENTRAYERTFNFIPQNISQTQLQLTPEPPKGFEDGFPASIWPTWAYRKPGELRAGGQLMEPMPYQEIFWRSSNLTSVKT
FPPPNGVSGFITALPTSWTRGERNDSGLNLSILAHQDSRSLPTQVAMNGDSSAQGKHRT
;
A
2 'polypeptide(L)'
;MKRVLMGLILLSSSNITWAEAPSSKYQECLGRMTFEIPEEMEWATYDASRVWQISKGGGHNFTAEVTAVGDNGSYDYDSM
IFYVSEKVDKNEFHNASNYIKGTAEIYQDHLRENIKLDKKAISTLQKNKSEEKSIERIKKGIAEMEAKIPLAKIYEHDLG
IPDSHILGSKNIPFHVLLWRNQRVYYFTFSKPTENSAQRIKDLIARFRTRELYEVPNEPGICFPYGFIADDGKTAYELKN
SLRFTRTPNVIFSLLTASANDPWQTRPTSGLYDSDFRPGYDRQKWKKSALLDSLHIGKRLAAFEGWRLDPRPDSGERERA
WFGLAHTGGTLDPLVAIQVQTFQKGTDDLTDYTPPPEEVLPRLKALSQSIEQRLAR
;
B
#
# COMPACT_ATOMS: atom_id res chain seq x y z
N ALA A 28 24.47 -29.32 10.06
CA ALA A 28 24.58 -28.26 9.08
C ALA A 28 25.86 -28.39 8.26
N ILE A 29 26.06 -29.58 7.67
CA ILE A 29 27.25 -29.84 6.87
C ILE A 29 26.83 -30.37 5.51
N SER A 30 25.56 -30.75 5.37
CA SER A 30 25.08 -31.26 4.09
C SER A 30 25.02 -30.16 3.03
N ALA A 31 25.01 -28.90 3.46
CA ALA A 31 24.99 -27.76 2.56
C ALA A 31 26.06 -26.76 2.97
N PRO A 32 26.66 -26.07 1.99
CA PRO A 32 27.63 -25.02 2.34
C PRO A 32 27.03 -23.88 3.14
N GLY A 33 25.75 -23.57 2.93
CA GLY A 33 25.10 -22.49 3.64
C GLY A 33 24.98 -22.70 5.13
N CYS A 34 25.43 -21.71 5.90
CA CYS A 34 25.33 -21.72 7.36
C CYS A 34 24.56 -20.50 7.83
N PHE A 35 24.34 -20.42 9.13
CA PHE A 35 23.62 -19.30 9.72
C PHE A 35 24.39 -17.99 9.56
N ILE A 36 23.77 -16.91 10.00
CA ILE A 36 24.44 -15.62 10.06
C ILE A 36 25.46 -15.64 11.19
N LYS A 37 26.62 -15.03 10.95
CA LYS A 37 27.70 -14.95 11.94
C LYS A 37 28.35 -13.58 11.81
N GLY A 38 27.87 -12.63 12.59
CA GLY A 38 28.45 -11.30 12.61
C GLY A 38 28.81 -10.88 14.03
N SER A 39 28.49 -9.65 14.40
CA SER A 39 28.79 -9.15 15.73
C SER A 39 27.55 -8.82 16.55
N ASN A 40 26.62 -8.06 15.99
CA ASN A 40 25.45 -7.59 16.72
C ASN A 40 24.35 -8.64 16.81
N LEU A 41 24.65 -9.91 16.52
CA LEU A 41 23.65 -10.96 16.56
C LEU A 41 23.15 -11.16 17.99
N PHE A 42 21.83 -11.35 18.12
CA PHE A 42 21.26 -11.57 19.44
C PHE A 42 21.70 -12.90 20.03
N SER A 43 21.79 -13.94 19.20
CA SER A 43 22.17 -15.25 19.68
C SER A 43 22.62 -16.11 18.50
N GLU A 44 23.19 -17.26 18.82
CA GLU A 44 23.71 -18.19 17.82
C GLU A 44 22.86 -19.46 17.82
N LYS A 45 23.14 -20.33 16.85
CA LYS A 45 22.34 -21.53 16.65
C LYS A 45 22.44 -22.48 17.84
N ARG A 46 21.31 -23.05 18.23
CA ARG A 46 21.24 -24.00 19.34
C ARG A 46 20.54 -25.26 18.88
N ALA A 47 21.19 -26.40 19.09
CA ALA A 47 20.66 -27.69 18.67
C ALA A 47 19.76 -28.26 19.76
N GLY A 48 19.30 -29.49 19.55
CA GLY A 48 18.48 -30.18 20.53
C GLY A 48 17.17 -29.48 20.85
N ASN A 49 16.47 -29.04 19.82
CA ASN A 49 15.19 -28.37 19.99
C ASN A 49 14.07 -29.20 19.37
N ARG A 50 12.95 -29.28 20.07
CA ARG A 50 11.78 -30.02 19.61
C ARG A 50 10.83 -29.04 18.93
N VAL A 51 10.78 -29.10 17.59
CA VAL A 51 10.10 -28.10 16.78
C VAL A 51 8.83 -28.73 16.20
N ARG A 52 7.70 -28.05 16.38
CA ARG A 52 6.41 -28.51 15.89
C ARG A 52 5.70 -27.35 15.22
N PHE A 53 5.71 -27.34 13.89
CA PHE A 53 5.18 -26.22 13.12
C PHE A 53 3.66 -26.24 13.15
N PHE A 54 3.07 -25.08 12.87
CA PHE A 54 1.62 -24.97 12.77
C PHE A 54 1.25 -24.26 11.49
N THR A 55 0.23 -24.77 10.81
CA THR A 55 -0.15 -24.29 9.49
C THR A 55 -1.49 -23.55 9.52
N THR A 56 -2.39 -23.93 10.42
CA THR A 56 -3.62 -23.18 10.63
C THR A 56 -3.62 -22.56 12.03
N GLY A 57 -4.49 -21.56 12.23
CA GLY A 57 -4.57 -20.94 13.54
C GLY A 57 -5.24 -21.80 14.58
N ARG A 58 -6.17 -22.66 14.16
CA ARG A 58 -6.93 -23.47 15.10
C ARG A 58 -6.01 -24.44 15.86
N ASP A 59 -5.10 -25.09 15.14
CA ASP A 59 -4.17 -26.02 15.77
C ASP A 59 -3.28 -25.33 16.78
N TYR A 60 -2.79 -24.14 16.42
CA TYR A 60 -1.93 -23.39 17.31
C TYR A 60 -2.68 -23.01 18.59
N PHE A 61 -3.92 -22.55 18.44
CA PHE A 61 -4.69 -22.17 19.61
C PHE A 61 -4.96 -23.37 20.51
N SER A 62 -5.27 -24.53 19.92
CA SER A 62 -5.52 -25.72 20.73
C SER A 62 -4.28 -26.16 21.49
N ASP A 63 -3.13 -26.19 20.81
CA ASP A 63 -1.89 -26.56 21.50
C ASP A 63 -1.56 -25.56 22.59
N LEU A 64 -1.83 -24.28 22.36
CA LEU A 64 -1.59 -23.27 23.38
C LEU A 64 -2.46 -23.52 24.60
N ALA A 65 -3.72 -23.89 24.38
CA ALA A 65 -4.59 -24.20 25.51
C ALA A 65 -4.03 -25.36 26.33
N SER A 66 -3.59 -26.42 25.64
CA SER A 66 -3.04 -27.57 26.37
C SER A 66 -1.77 -27.20 27.13
N ALA A 67 -0.88 -26.41 26.52
CA ALA A 67 0.36 -26.03 27.18
C ALA A 67 0.10 -25.16 28.41
N LEU A 68 -0.83 -24.21 28.29
CA LEU A 68 -1.19 -23.39 29.44
C LEU A 68 -1.80 -24.25 30.54
N ASP A 69 -2.59 -25.26 30.16
CA ASP A 69 -3.09 -26.20 31.15
C ASP A 69 -1.97 -26.95 31.85
N SER A 70 -0.87 -27.20 31.14
CA SER A 70 0.29 -27.85 31.74
C SER A 70 1.18 -26.90 32.54
N ALA A 71 1.01 -25.58 32.38
CA ALA A 71 1.93 -24.62 32.99
C ALA A 71 1.89 -24.68 34.51
N SER A 72 3.07 -24.52 35.13
CA SER A 72 3.22 -24.60 36.58
C SER A 72 3.99 -23.44 37.20
N SER A 73 4.98 -22.89 36.52
CA SER A 73 5.95 -22.00 37.17
C SER A 73 5.84 -20.55 36.73
N SER A 74 6.06 -20.23 35.45
CA SER A 74 6.11 -18.85 35.01
C SER A 74 5.78 -18.75 33.53
N ILE A 75 5.05 -17.69 33.17
CA ILE A 75 4.60 -17.47 31.80
C ILE A 75 5.02 -16.08 31.37
N PHE A 76 5.64 -15.98 30.19
CA PHE A 76 5.93 -14.70 29.57
C PHE A 76 5.19 -14.63 28.24
N ILE A 77 4.42 -13.56 28.03
CA ILE A 77 3.65 -13.36 26.81
C ILE A 77 4.03 -12.01 26.21
N THR A 78 4.37 -12.01 24.92
CA THR A 78 4.57 -10.77 24.19
C THR A 78 3.98 -10.91 22.80
N GLY A 79 3.42 -9.82 22.29
CA GLY A 79 2.77 -9.86 20.99
C GLY A 79 2.45 -8.47 20.51
N TRP A 80 2.24 -8.36 19.20
CA TRP A 80 1.85 -7.10 18.59
C TRP A 80 0.43 -6.68 19.01
N GLN A 81 -0.47 -7.64 19.19
CA GLN A 81 -1.82 -7.37 19.62
C GLN A 81 -2.34 -8.57 20.40
N VAL A 82 -2.58 -8.38 21.69
CA VAL A 82 -3.03 -9.45 22.56
C VAL A 82 -4.48 -9.22 22.91
N ASN A 83 -5.32 -10.22 22.66
CA ASN A 83 -6.73 -10.16 23.01
C ASN A 83 -7.10 -11.38 23.84
N TYR A 84 -7.85 -11.15 24.92
CA TYR A 84 -8.32 -12.22 25.78
C TYR A 84 -9.73 -12.69 25.43
N ASP A 85 -10.36 -12.07 24.44
CA ASP A 85 -11.70 -12.49 24.02
C ASP A 85 -11.64 -13.76 23.19
N VAL A 86 -10.47 -14.06 22.60
CA VAL A 86 -10.37 -15.16 21.65
C VAL A 86 -10.59 -16.50 22.34
N LEU A 87 -11.11 -17.46 21.57
CA LEU A 87 -11.33 -18.82 22.05
C LEU A 87 -10.19 -19.71 21.58
N LEU A 88 -9.57 -20.42 22.52
CA LEU A 88 -8.45 -21.29 22.18
C LEU A 88 -8.93 -22.64 21.64
N ASP A 89 -9.65 -23.39 22.47
CA ASP A 89 -10.13 -24.71 22.10
C ASP A 89 -11.58 -24.73 21.64
N GLY A 90 -12.20 -23.56 21.46
CA GLY A 90 -13.58 -23.48 21.07
C GLY A 90 -14.57 -23.40 22.22
N ARG A 91 -14.11 -23.54 23.46
CA ARG A 91 -15.00 -23.47 24.61
C ARG A 91 -14.44 -22.56 25.69
N ARG A 92 -13.12 -22.39 25.72
CA ARG A 92 -12.44 -21.63 26.76
C ARG A 92 -11.65 -20.49 26.12
N SER A 93 -11.68 -19.33 26.76
CA SER A 93 -10.95 -18.16 26.26
C SER A 93 -9.57 -18.09 26.92
N LEU A 94 -8.76 -17.17 26.40
CA LEU A 94 -7.38 -17.06 26.87
C LEU A 94 -7.31 -16.60 28.33
N TRP A 95 -8.12 -15.62 28.71
CA TRP A 95 -8.09 -15.14 30.09
C TRP A 95 -8.58 -16.24 31.03
N GLN A 96 -9.62 -16.97 30.62
CA GLN A 96 -10.10 -18.10 31.42
C GLN A 96 -9.00 -19.13 31.62
N CYS A 97 -8.28 -19.48 30.55
CA CYS A 97 -7.23 -20.47 30.66
C CYS A 97 -6.11 -19.99 31.57
N LEU A 98 -5.74 -18.71 31.45
CA LEU A 98 -4.70 -18.15 32.32
C LEU A 98 -5.15 -18.14 33.78
N ARG A 99 -6.40 -17.78 34.03
CA ARG A 99 -6.91 -17.76 35.40
C ARG A 99 -6.93 -19.15 36.00
N GLN A 100 -7.34 -20.15 35.21
CA GLN A 100 -7.31 -21.53 35.70
C GLN A 100 -5.88 -21.97 36.00
N ALA A 101 -4.92 -21.56 35.16
CA ALA A 101 -3.52 -21.86 35.45
C ALA A 101 -3.08 -21.24 36.77
N LEU A 102 -3.48 -19.99 37.01
CA LEU A 102 -3.12 -19.33 38.27
C LEU A 102 -3.76 -20.02 39.46
N GLU A 103 -5.02 -20.43 39.33
CA GLU A 103 -5.67 -21.16 40.41
C GLU A 103 -4.96 -22.48 40.69
N ARG A 104 -4.55 -23.19 39.62
CA ARG A 104 -3.87 -24.46 39.80
C ARG A 104 -2.53 -24.28 40.50
N SER A 105 -1.75 -23.29 40.09
CA SER A 105 -0.41 -23.10 40.64
C SER A 105 -0.38 -21.93 41.61
N PRO A 106 -0.20 -22.18 42.91
CA PRO A 106 -0.15 -21.05 43.86
C PRO A 106 1.14 -20.26 43.77
N ALA A 107 2.14 -20.75 43.04
CA ALA A 107 3.41 -20.05 42.88
C ALA A 107 3.63 -19.55 41.46
N LEU A 108 2.57 -19.37 40.68
CA LEU A 108 2.72 -18.93 39.29
C LEU A 108 3.21 -17.48 39.23
N LYS A 109 3.80 -17.14 38.10
CA LYS A 109 4.26 -15.77 37.85
C LYS A 109 4.05 -15.46 36.38
N VAL A 110 3.15 -14.53 36.08
CA VAL A 110 2.76 -14.20 34.72
C VAL A 110 3.19 -12.77 34.40
N TYR A 111 3.95 -12.61 33.31
CA TYR A 111 4.35 -11.30 32.82
C TYR A 111 3.93 -11.17 31.36
N VAL A 112 3.17 -10.13 31.05
CA VAL A 112 2.63 -9.91 29.73
C VAL A 112 3.16 -8.58 29.21
N MET A 113 3.67 -8.58 27.97
CA MET A 113 4.30 -7.42 27.38
C MET A 113 3.78 -7.19 25.96
N PRO A 114 2.65 -6.52 25.80
CA PRO A 114 2.18 -6.18 24.46
C PRO A 114 2.93 -5.00 23.86
N TRP A 115 2.50 -4.52 22.70
CA TRP A 115 3.03 -3.29 22.15
C TRP A 115 2.10 -2.13 22.48
N LEU A 116 2.68 -0.99 22.84
CA LEU A 116 1.94 0.20 23.23
C LEU A 116 1.97 1.22 22.11
N SER A 117 0.80 1.74 21.76
CA SER A 117 0.73 2.86 20.82
C SER A 117 1.02 4.17 21.57
N PRO A 118 1.96 4.99 21.10
CA PRO A 118 2.25 6.25 21.80
C PRO A 118 1.05 7.17 21.91
N SER A 119 0.16 7.16 20.91
CA SER A 119 -1.08 7.92 20.98
C SER A 119 -2.15 7.09 21.69
N GLY A 120 -3.40 7.57 21.67
CA GLY A 120 -4.47 6.79 22.26
C GLY A 120 -4.68 5.47 21.55
N SER A 121 -4.74 5.50 20.22
CA SER A 121 -4.86 4.31 19.40
C SER A 121 -4.66 4.71 17.94
N LEU A 122 -3.86 3.91 17.22
CA LEU A 122 -3.71 4.13 15.78
C LEU A 122 -5.04 3.92 15.08
N GLY A 123 -5.76 2.87 15.44
CA GLY A 123 -7.10 2.62 14.91
C GLY A 123 -8.07 2.30 16.02
N THR A 124 -8.83 1.21 15.85
CA THR A 124 -9.79 0.75 16.86
C THR A 124 -9.66 -0.76 17.05
N TYR A 125 -8.42 -1.23 17.25
CA TYR A 125 -8.17 -2.64 17.47
C TYR A 125 -8.84 -3.13 18.75
N ASP A 126 -8.38 -2.62 19.90
CA ASP A 126 -8.85 -2.81 21.27
C ASP A 126 -8.05 -1.91 22.19
N PHE A 127 -8.57 -1.75 23.42
CA PHE A 127 -7.85 -1.05 24.47
C PHE A 127 -8.04 -1.68 25.84
N GLU A 128 -8.56 -2.91 25.92
CA GLU A 128 -8.95 -3.54 27.17
C GLU A 128 -7.91 -4.53 27.69
N THR A 129 -6.74 -4.62 27.06
CA THR A 129 -5.72 -5.57 27.52
C THR A 129 -5.28 -5.26 28.95
N MET A 130 -5.04 -3.98 29.24
CA MET A 130 -4.57 -3.60 30.56
C MET A 130 -5.61 -3.91 31.64
N LEU A 131 -6.88 -3.60 31.37
CA LEU A 131 -7.89 -3.87 32.38
C LEU A 131 -8.16 -5.36 32.52
N ALA A 132 -8.01 -6.13 31.45
CA ALA A 132 -8.13 -7.58 31.57
C ALA A 132 -7.02 -8.15 32.45
N VAL A 133 -5.79 -7.67 32.27
CA VAL A 133 -4.70 -8.13 33.13
C VAL A 133 -4.94 -7.66 34.57
N PHE A 134 -5.54 -6.48 34.74
CA PHE A 134 -5.96 -6.04 36.08
C PHE A 134 -6.91 -7.05 36.70
N GLN A 135 -7.96 -7.42 35.98
CA GLN A 135 -8.95 -8.37 36.49
C GLN A 135 -8.39 -9.77 36.60
N LEU A 136 -7.20 -10.00 36.04
CA LEU A 136 -6.56 -11.31 36.12
C LEU A 136 -6.10 -11.62 37.55
N ASN A 137 -5.78 -10.60 38.32
CA ASN A 137 -5.37 -10.81 39.71
C ASN A 137 -6.52 -10.74 40.71
N ALA A 138 -7.73 -10.41 40.27
CA ALA A 138 -8.83 -10.24 41.21
C ALA A 138 -9.18 -11.57 41.87
N GLY A 139 -9.27 -11.56 43.20
CA GLY A 139 -9.64 -12.74 43.96
C GLY A 139 -8.56 -13.79 44.09
N LEU A 140 -7.29 -13.44 43.90
CA LEU A 140 -6.20 -14.41 43.94
C LEU A 140 -5.57 -14.42 45.33
N GLU A 141 -5.56 -15.58 45.97
CA GLU A 141 -4.92 -15.72 47.27
C GLU A 141 -3.42 -15.53 47.14
N GLY A 142 -2.85 -14.79 48.09
CA GLY A 142 -1.45 -14.46 48.04
C GLY A 142 -1.18 -13.11 47.40
N GLY A 143 0.11 -12.81 47.26
CA GLY A 143 0.52 -11.53 46.71
C GLY A 143 0.27 -11.45 45.21
N ALA A 144 0.55 -10.27 44.67
CA ALA A 144 0.35 -10.03 43.24
C ALA A 144 1.38 -10.82 42.46
N ARG A 145 0.95 -11.92 41.85
CA ARG A 145 1.82 -12.80 41.10
C ARG A 145 1.82 -12.53 39.60
N ALA A 146 1.13 -11.49 39.15
CA ALA A 146 1.10 -11.14 37.74
C ALA A 146 1.46 -9.67 37.57
N PHE A 147 2.12 -9.35 36.46
CA PHE A 147 2.54 -7.98 36.19
C PHE A 147 2.43 -7.71 34.70
N CYS A 148 2.04 -6.48 34.35
CA CYS A 148 1.89 -6.06 32.97
C CYS A 148 2.74 -4.81 32.73
N THR A 149 3.32 -4.71 31.54
CA THR A 149 4.16 -3.57 31.19
C THR A 149 4.08 -3.31 29.69
N PRO A 150 3.35 -2.27 29.27
CA PRO A 150 3.32 -1.93 27.84
C PRO A 150 4.69 -1.48 27.36
N ALA A 151 4.99 -1.81 26.11
CA ALA A 151 6.32 -1.61 25.54
C ALA A 151 6.32 -0.35 24.67
N ILE A 152 7.27 0.55 24.96
CA ILE A 152 7.38 1.81 24.23
C ILE A 152 8.42 1.65 23.12
N GLN A 153 8.05 2.07 21.92
CA GLN A 153 8.97 1.98 20.79
C GLN A 153 10.17 2.89 21.01
N GLN A 154 11.32 2.47 20.47
CA GLN A 154 12.57 3.19 20.65
C GLN A 154 13.40 3.10 19.38
N SER A 155 13.76 4.25 18.84
CA SER A 155 14.38 4.35 17.52
C SER A 155 15.36 5.52 17.54
N ASP A 156 15.71 6.04 16.37
CA ASP A 156 16.75 7.05 16.27
C ASP A 156 16.33 8.39 16.88
N MET A 157 15.34 9.05 16.29
CA MET A 157 14.93 10.38 16.73
C MET A 157 13.52 10.43 17.30
N GLN A 158 12.65 9.50 16.91
CA GLN A 158 11.33 9.24 17.47
C GLN A 158 10.30 10.32 17.11
N GLY A 159 10.77 11.45 16.57
CA GLY A 159 9.82 12.45 16.08
C GLY A 159 9.02 11.93 14.92
N LEU A 160 9.68 11.29 13.96
CA LEU A 160 9.04 10.47 12.94
C LEU A 160 8.73 9.06 13.45
N GLY A 161 9.39 8.62 14.53
CA GLY A 161 9.28 7.26 15.02
C GLY A 161 8.10 6.97 15.91
N VAL A 162 7.32 7.98 16.25
CA VAL A 162 6.10 7.76 17.04
C VAL A 162 5.24 6.67 16.39
N ALA A 163 5.25 6.61 15.05
CA ALA A 163 4.43 5.64 14.33
C ALA A 163 4.98 4.21 14.42
N PHE A 164 6.25 4.03 14.77
CA PHE A 164 6.84 2.69 14.79
C PHE A 164 6.28 1.89 15.97
N SER A 165 6.50 0.57 15.91
CA SER A 165 5.85 -0.35 16.83
C SER A 165 6.79 -1.50 17.15
N HIS A 166 6.26 -2.49 17.86
CA HIS A 166 6.95 -3.74 18.15
C HIS A 166 6.20 -4.88 17.48
N HIS A 167 6.89 -5.64 16.63
CA HIS A 167 6.29 -6.79 15.99
C HIS A 167 6.90 -8.10 16.50
N GLN A 168 7.02 -8.20 17.81
CA GLN A 168 7.56 -9.38 18.46
C GLN A 168 6.40 -10.24 18.92
N LYS A 169 6.39 -11.51 18.53
CA LYS A 169 5.37 -12.46 18.96
C LYS A 169 6.04 -13.68 19.58
N SER A 170 5.73 -13.94 20.85
CA SER A 170 6.32 -15.09 21.54
C SER A 170 5.54 -15.37 22.81
N VAL A 171 5.34 -16.65 23.10
CA VAL A 171 4.82 -17.10 24.39
C VAL A 171 5.74 -18.22 24.88
N VAL A 172 6.37 -18.01 26.04
CA VAL A 172 7.26 -18.99 26.63
C VAL A 172 6.67 -19.43 27.96
N ILE A 173 6.66 -20.75 28.18
CA ILE A 173 5.94 -21.36 29.29
C ILE A 173 6.92 -22.12 30.16
N ASP A 174 6.99 -21.75 31.44
CA ASP A 174 7.81 -22.42 32.45
C ASP A 174 9.27 -22.55 32.04
N ASN A 175 9.74 -21.64 31.19
CA ASN A 175 11.12 -21.63 30.71
C ASN A 175 11.49 -22.91 29.96
N ARG A 176 10.49 -23.64 29.47
CA ARG A 176 10.75 -24.89 28.76
C ARG A 176 10.03 -25.00 27.42
N ILE A 177 8.86 -24.38 27.27
CA ILE A 177 8.09 -24.43 26.04
C ILE A 177 7.91 -23.00 25.55
N GLY A 178 8.30 -22.75 24.30
CA GLY A 178 8.18 -21.42 23.73
C GLY A 178 7.47 -21.46 22.39
N TYR A 179 6.93 -20.30 22.01
CA TYR A 179 6.21 -20.16 20.76
C TYR A 179 6.74 -18.96 20.00
N VAL A 180 6.67 -19.05 18.67
CA VAL A 180 7.06 -17.94 17.81
C VAL A 180 6.46 -18.18 16.44
N GLY A 181 6.12 -17.09 15.75
CA GLY A 181 5.51 -17.17 14.44
C GLY A 181 4.90 -15.85 14.05
N GLY A 182 3.76 -15.89 13.38
CA GLY A 182 3.09 -14.67 12.99
C GLY A 182 1.68 -14.57 13.51
N ILE A 183 1.16 -15.67 14.06
CA ILE A 183 -0.21 -15.74 14.51
C ILE A 183 -0.26 -15.17 15.92
N ASP A 184 -0.75 -13.95 16.04
CA ASP A 184 -0.91 -13.29 17.33
C ASP A 184 -2.31 -13.59 17.85
N LEU A 185 -2.43 -13.62 19.18
CA LEU A 185 -3.68 -13.99 19.84
C LEU A 185 -4.68 -12.86 19.65
N ALA A 186 -5.21 -12.78 18.44
CA ALA A 186 -6.12 -11.71 18.06
C ALA A 186 -7.27 -12.27 17.26
N TYR A 187 -8.22 -11.41 16.93
CA TYR A 187 -9.39 -11.82 16.17
C TYR A 187 -9.05 -12.02 14.70
N GLY A 188 -9.75 -12.96 14.07
CA GLY A 188 -9.57 -13.24 12.66
C GLY A 188 -8.43 -14.16 12.31
N ARG A 189 -7.67 -14.63 13.29
CA ARG A 189 -6.51 -15.49 13.05
C ARG A 189 -6.84 -16.97 13.12
N ARG A 190 -7.84 -17.37 13.89
CA ARG A 190 -8.24 -18.77 14.00
C ARG A 190 -9.06 -19.15 12.79
N ASP A 191 -8.45 -19.88 11.86
CA ASP A 191 -9.09 -20.30 10.63
C ASP A 191 -8.88 -21.79 10.43
N ASP A 192 -9.81 -22.41 9.72
CA ASP A 192 -9.79 -23.85 9.47
C ASP A 192 -9.24 -24.12 8.07
N ASN A 193 -9.15 -25.40 7.73
CA ASN A 193 -8.58 -25.79 6.44
C ASN A 193 -9.52 -25.51 5.28
N ASP A 194 -10.80 -25.29 5.56
CA ASP A 194 -11.79 -25.17 4.49
C ASP A 194 -11.74 -23.83 3.78
N PHE A 195 -11.31 -22.77 4.47
CA PHE A 195 -11.39 -21.40 3.97
C PHE A 195 -12.83 -21.03 3.62
N SER A 196 -13.68 -21.02 4.64
CA SER A 196 -15.09 -20.73 4.46
C SER A 196 -15.35 -19.24 4.59
N LEU A 197 -16.31 -18.75 3.82
CA LEU A 197 -16.67 -17.33 3.83
C LEU A 197 -17.82 -17.02 4.79
N ASP A 198 -18.48 -18.03 5.35
CA ASP A 198 -19.62 -17.78 6.23
C ASP A 198 -19.15 -17.20 7.56
N ALA A 199 -19.81 -16.13 7.99
CA ALA A 199 -19.44 -15.41 9.20
C ALA A 199 -20.41 -15.62 10.36
N SER A 200 -21.50 -16.35 10.15
CA SER A 200 -22.49 -16.50 11.20
C SER A 200 -21.97 -17.35 12.36
N GLY A 201 -21.02 -18.24 12.10
CA GLY A 201 -20.48 -19.08 13.16
C GLY A 201 -19.70 -18.30 14.19
N ARG A 202 -18.89 -17.33 13.73
CA ARG A 202 -18.05 -16.58 14.65
C ARG A 202 -18.89 -15.61 15.48
N ARG A 203 -18.35 -15.22 16.62
CA ARG A 203 -19.07 -14.37 17.56
C ARG A 203 -18.39 -13.00 17.65
N GLY A 204 -19.18 -11.95 17.41
CA GLY A 204 -18.71 -10.60 17.67
C GLY A 204 -17.55 -10.19 16.81
N ASN A 205 -16.45 -9.80 17.47
CA ASN A 205 -15.28 -9.26 16.81
C ASN A 205 -14.45 -10.31 16.07
N ASP A 206 -14.85 -11.58 16.13
CA ASP A 206 -14.12 -12.64 15.44
C ASP A 206 -14.47 -12.75 13.97
N ALA A 207 -15.47 -12.00 13.50
CA ALA A 207 -15.79 -11.95 12.06
C ALA A 207 -14.97 -10.82 11.46
N TYR A 208 -13.82 -11.18 10.89
CA TYR A 208 -12.84 -10.21 10.43
C TYR A 208 -12.94 -10.04 8.91
N ASN A 209 -13.20 -8.82 8.47
CA ASN A 209 -13.14 -8.46 7.06
C ASN A 209 -13.03 -6.94 6.92
N PRO A 210 -11.81 -6.39 6.95
CA PRO A 210 -11.68 -4.93 6.93
C PRO A 210 -12.15 -4.27 5.64
N GLY A 211 -12.26 -5.02 4.54
CA GLY A 211 -12.63 -4.41 3.28
C GLY A 211 -14.06 -3.95 3.24
N LEU A 212 -14.99 -4.82 3.57
CA LEU A 212 -16.41 -4.48 3.53
C LEU A 212 -16.78 -3.48 4.61
N PRO A 213 -17.80 -2.65 4.36
CA PRO A 213 -18.42 -1.88 5.44
C PRO A 213 -19.38 -2.77 6.22
N HIS A 214 -18.97 -3.17 7.42
CA HIS A 214 -19.76 -4.09 8.21
C HIS A 214 -21.13 -3.50 8.53
N LEU A 215 -22.17 -4.30 8.32
CA LEU A 215 -23.55 -3.83 8.42
C LEU A 215 -24.42 -4.63 9.39
N GLY A 216 -23.84 -5.41 10.30
CA GLY A 216 -24.61 -6.12 11.30
C GLY A 216 -24.81 -5.30 12.56
N TRP A 217 -25.25 -5.99 13.61
CA TRP A 217 -25.55 -5.36 14.89
C TRP A 217 -25.69 -6.47 15.93
N MET A 218 -24.94 -6.38 17.04
CA MET A 218 -24.97 -7.45 18.02
C MET A 218 -25.53 -7.04 19.37
N ALA A 219 -25.38 -5.78 19.78
CA ALA A 219 -25.51 -5.37 21.17
C ALA A 219 -26.84 -4.70 21.48
N GLU A 220 -27.93 -5.25 20.94
CA GLU A 220 -29.26 -4.80 21.34
C GLU A 220 -29.43 -4.94 22.85
N ASP A 221 -29.40 -6.17 23.35
CA ASP A 221 -29.46 -6.44 24.77
C ASP A 221 -28.55 -7.58 25.21
N GLU A 222 -27.70 -8.10 24.32
CA GLU A 222 -26.93 -9.30 24.60
C GLU A 222 -25.48 -9.00 24.96
N HIS A 223 -24.74 -8.35 24.06
CA HIS A 223 -23.30 -8.25 24.19
C HIS A 223 -22.90 -7.15 25.17
N VAL A 224 -21.59 -6.95 25.32
CA VAL A 224 -21.03 -6.03 26.30
C VAL A 224 -20.47 -4.81 25.59
N SER A 225 -20.86 -3.63 26.06
CA SER A 225 -20.30 -2.40 25.53
C SER A 225 -18.85 -2.22 25.99
N SER A 226 -18.02 -1.73 25.07
CA SER A 226 -16.60 -1.54 25.36
C SER A 226 -16.39 -0.49 26.45
N MET A 227 -17.13 0.62 26.37
CA MET A 227 -17.02 1.67 27.37
C MET A 227 -17.67 1.29 28.69
N GLY A 228 -18.70 0.43 28.67
CA GLY A 228 -19.44 0.13 29.89
C GLY A 228 -18.59 -0.56 30.94
N LEU A 229 -17.84 -1.58 30.53
CA LEU A 229 -17.03 -2.29 31.50
C LEU A 229 -15.92 -1.41 32.07
N MET A 230 -15.34 -0.51 31.28
CA MET A 230 -14.27 0.33 31.82
C MET A 230 -14.82 1.36 32.79
N MET A 231 -15.96 1.98 32.48
CA MET A 231 -16.50 2.90 33.47
C MET A 231 -17.03 2.14 34.68
N ALA A 232 -17.43 0.88 34.51
CA ALA A 232 -17.81 0.07 35.66
C ALA A 232 -16.61 -0.21 36.56
N THR A 233 -15.46 -0.52 35.97
CA THR A 233 -14.25 -0.73 36.76
C THR A 233 -13.80 0.57 37.42
N LEU A 234 -14.01 1.71 36.76
CA LEU A 234 -13.78 2.99 37.43
C LEU A 234 -14.72 3.16 38.63
N PHE A 235 -15.98 2.76 38.46
CA PHE A 235 -16.94 2.85 39.57
C PHE A 235 -16.53 1.94 40.72
N ASP A 236 -16.02 0.74 40.39
CA ASP A 236 -15.58 -0.17 41.45
C ASP A 236 -14.38 0.39 42.20
N LEU A 237 -13.47 1.06 41.49
CA LEU A 237 -12.36 1.72 42.16
C LEU A 237 -12.86 2.82 43.10
N SER A 238 -13.83 3.61 42.64
CA SER A 238 -14.46 4.64 43.45
C SER A 238 -13.45 5.65 44.00
N GLY A 417 2.06 13.06 28.41
CA GLY A 417 0.91 12.31 28.85
C GLY A 417 1.24 11.25 29.89
N SER A 418 1.11 11.61 31.16
CA SER A 418 1.40 10.71 32.27
C SER A 418 0.16 9.97 32.75
N LEU A 419 -0.96 10.07 32.04
CA LEU A 419 -2.15 9.32 32.41
C LEU A 419 -1.89 7.82 32.35
N PHE A 420 -1.22 7.36 31.28
CA PHE A 420 -0.89 5.95 31.17
C PHE A 420 0.12 5.53 32.24
N TRP A 421 1.06 6.42 32.57
CA TRP A 421 2.02 6.13 33.63
C TRP A 421 1.31 5.91 34.96
N THR A 422 0.35 6.79 35.29
CA THR A 422 -0.35 6.65 36.56
C THR A 422 -1.30 5.46 36.55
N LEU A 423 -1.90 5.15 35.40
CA LEU A 423 -2.74 3.97 35.29
C LEU A 423 -1.92 2.70 35.51
N HIS A 424 -0.69 2.66 34.96
CA HIS A 424 0.15 1.50 35.23
C HIS A 424 0.69 1.52 36.66
N ARG A 425 0.80 2.70 37.26
CA ARG A 425 1.20 2.78 38.67
C ARG A 425 0.13 2.16 39.56
N LEU A 426 -1.14 2.49 39.33
CA LEU A 426 -2.21 1.84 40.08
C LEU A 426 -2.38 0.38 39.68
N MET A 427 -2.00 0.03 38.45
CA MET A 427 -1.93 -1.37 38.07
C MET A 427 -0.91 -2.13 38.91
N GLN A 428 0.27 -1.53 39.09
CA GLN A 428 1.29 -2.14 39.94
C GLN A 428 0.83 -2.22 41.39
N ALA A 429 0.18 -1.17 41.88
CA ALA A 429 -0.46 -1.19 43.20
C ALA A 429 -1.75 -2.01 43.07
N ARG A 430 -1.57 -3.32 42.90
CA ARG A 430 -2.65 -4.21 42.51
C ARG A 430 -3.35 -4.80 43.71
N ALA A 431 -4.69 -4.80 43.65
CA ALA A 431 -5.52 -5.47 44.66
C ALA A 431 -5.81 -6.90 44.20
N GLY A 432 -4.87 -7.79 44.55
CA GLY A 432 -4.99 -9.18 44.16
C GLY A 432 -6.00 -9.96 44.97
N GLY A 433 -6.58 -9.36 46.00
CA GLY A 433 -7.60 -10.03 46.78
C GLY A 433 -8.96 -10.02 46.12
N HIS A 434 -9.93 -10.55 46.84
CA HIS A 434 -11.31 -10.63 46.36
C HIS A 434 -11.91 -9.23 46.39
N GLN A 435 -12.28 -8.72 45.21
CA GLN A 435 -12.95 -7.43 45.14
C GLN A 435 -14.39 -7.55 44.65
N GLN A 436 -14.61 -8.30 43.57
CA GLN A 436 -15.95 -8.47 43.02
C GLN A 436 -15.95 -9.60 41.99
N PRO A 437 -16.90 -10.54 42.06
CA PRO A 437 -16.99 -11.58 41.03
C PRO A 437 -17.62 -11.06 39.75
N TYR A 438 -16.82 -10.91 38.71
CA TYR A 438 -17.30 -10.31 37.47
C TYR A 438 -18.11 -11.33 36.68
N ARG A 439 -19.33 -10.95 36.29
CA ARG A 439 -20.21 -11.89 35.60
C ARG A 439 -19.78 -12.14 34.16
N TYR A 440 -19.42 -11.08 33.45
CA TYR A 440 -19.28 -11.17 31.99
C TYR A 440 -18.01 -11.86 31.53
N LEU A 441 -17.11 -12.22 32.45
CA LEU A 441 -15.88 -12.91 32.07
C LEU A 441 -15.55 -14.13 32.90
N ASP A 442 -16.32 -14.43 33.95
CA ASP A 442 -15.96 -15.52 34.85
C ASP A 442 -17.03 -16.59 34.93
N GLU A 443 -18.29 -16.23 34.70
CA GLU A 443 -19.37 -17.21 34.61
C GLU A 443 -20.36 -16.94 33.48
N ALA A 444 -20.30 -15.77 32.84
CA ALA A 444 -21.13 -15.48 31.67
C ALA A 444 -20.25 -14.89 30.57
N PRO A 445 -19.52 -15.72 29.81
CA PRO A 445 -18.57 -15.19 28.81
C PRO A 445 -19.25 -14.53 27.60
N GLN A 446 -19.62 -13.26 27.79
CA GLN A 446 -20.31 -12.45 26.78
C GLN A 446 -19.30 -11.78 25.87
N PRO A 447 -19.51 -11.80 24.55
CA PRO A 447 -18.54 -11.19 23.62
C PRO A 447 -18.57 -9.68 23.67
N LEU A 448 -17.43 -9.08 23.30
CA LEU A 448 -17.30 -7.63 23.21
C LEU A 448 -17.85 -7.14 21.88
N ALA A 449 -17.59 -5.87 21.57
CA ALA A 449 -18.10 -5.28 20.33
C ALA A 449 -17.22 -4.10 19.93
N SER A 450 -17.38 -3.68 18.68
CA SER A 450 -16.64 -2.55 18.14
C SER A 450 -17.18 -1.24 18.74
N PRO A 451 -16.43 -0.14 18.61
CA PRO A 451 -16.94 1.14 19.13
C PRO A 451 -18.31 1.52 18.59
N ASP A 452 -18.57 1.22 17.32
CA ASP A 452 -19.91 1.39 16.76
C ASP A 452 -20.76 0.14 16.92
N ASN A 453 -20.22 -0.92 17.53
CA ASN A 453 -20.87 -2.20 17.75
C ASN A 453 -21.75 -2.62 16.58
N ALA A 454 -21.11 -2.80 15.42
CA ALA A 454 -21.73 -3.36 14.23
C ALA A 454 -20.93 -4.57 13.78
N ARG A 455 -21.62 -5.62 13.34
CA ARG A 455 -20.98 -6.87 12.97
C ARG A 455 -21.05 -7.07 11.46
N LEU A 456 -20.48 -8.19 11.03
CA LEU A 456 -20.60 -8.60 9.64
C LEU A 456 -21.95 -9.26 9.41
N ALA A 457 -22.69 -8.80 8.41
CA ALA A 457 -24.02 -9.33 8.15
C ALA A 457 -23.93 -10.79 7.72
N ALA A 458 -25.10 -11.46 7.69
CA ALA A 458 -25.14 -12.87 7.35
C ALA A 458 -24.70 -13.11 5.91
N ASP A 459 -25.13 -12.25 4.99
CA ASP A 459 -24.84 -12.40 3.57
C ASP A 459 -23.56 -11.66 3.17
N GLN A 460 -22.73 -11.31 4.14
CA GLN A 460 -21.45 -10.68 3.89
C GLN A 460 -20.32 -11.65 4.25
N PRO A 461 -19.39 -11.93 3.35
CA PRO A 461 -18.39 -12.96 3.61
C PRO A 461 -17.32 -12.48 4.58
N ARG A 462 -16.88 -13.39 5.44
CA ARG A 462 -15.69 -13.12 6.21
C ARG A 462 -14.47 -13.18 5.31
N MET A 463 -13.32 -12.79 5.85
CA MET A 463 -12.12 -12.74 5.05
C MET A 463 -11.15 -13.81 5.53
N PRO A 464 -10.94 -14.88 4.76
CA PRO A 464 -10.05 -15.96 5.21
C PRO A 464 -8.64 -15.45 5.47
N TRP A 465 -7.95 -16.16 6.37
CA TRP A 465 -6.65 -15.73 6.91
C TRP A 465 -5.70 -16.92 6.92
N GLN A 466 -4.59 -16.79 6.19
CA GLN A 466 -3.57 -17.84 6.12
C GLN A 466 -2.31 -17.36 6.81
N ASP A 467 -1.85 -18.14 7.80
CA ASP A 467 -0.68 -17.79 8.60
C ASP A 467 0.00 -19.08 9.05
N VAL A 468 1.23 -18.94 9.54
CA VAL A 468 2.02 -20.10 9.97
C VAL A 468 2.66 -19.78 11.32
N HIS A 469 3.01 -20.82 12.07
CA HIS A 469 3.46 -20.67 13.45
C HIS A 469 4.25 -21.92 13.83
N CYS A 470 5.04 -21.83 14.90
CA CYS A 470 5.77 -22.99 15.37
C CYS A 470 5.86 -23.00 16.89
N ARG A 471 6.09 -24.20 17.42
CA ARG A 471 6.33 -24.46 18.83
C ARG A 471 7.73 -25.03 18.99
N ILE A 472 8.42 -24.62 20.05
CA ILE A 472 9.81 -24.99 20.26
C ILE A 472 9.98 -25.53 21.68
N GLU A 473 10.96 -26.43 21.86
CA GLU A 473 11.28 -27.00 23.15
C GLU A 473 12.76 -27.34 23.19
N GLY A 474 13.50 -26.70 24.08
CA GLY A 474 14.92 -26.96 24.19
C GLY A 474 15.69 -25.80 24.79
N PRO A 475 16.96 -25.64 24.37
CA PRO A 475 17.78 -24.56 24.91
C PRO A 475 17.48 -23.20 24.31
N SER A 476 16.82 -23.19 23.14
CA SER A 476 16.47 -21.92 22.52
C SER A 476 15.30 -21.24 23.22
N VAL A 477 14.51 -22.00 23.96
CA VAL A 477 13.53 -21.40 24.85
C VAL A 477 14.23 -20.49 25.86
N TYR A 478 15.44 -20.88 26.28
CA TYR A 478 16.25 -20.00 27.11
C TYR A 478 16.59 -18.70 26.38
N ASP A 479 16.89 -18.79 25.09
CA ASP A 479 17.14 -17.59 24.29
C ASP A 479 15.93 -16.67 24.30
N LEU A 480 14.74 -17.22 24.05
CA LEU A 480 13.53 -16.40 24.06
C LEU A 480 13.27 -15.81 25.44
N ALA A 481 13.52 -16.59 26.49
CA ALA A 481 13.31 -16.10 27.86
C ALA A 481 14.27 -14.98 28.21
N ARG A 482 15.54 -15.11 27.77
CA ARG A 482 16.50 -14.03 27.98
C ARG A 482 16.05 -12.76 27.25
N ASN A 483 15.54 -12.91 26.03
CA ASN A 483 15.04 -11.74 25.30
C ASN A 483 13.91 -11.07 26.07
N PHE A 484 12.94 -11.86 26.53
CA PHE A 484 11.82 -11.28 27.26
C PHE A 484 12.27 -10.62 28.54
N ILE A 485 13.19 -11.25 29.27
CA ILE A 485 13.65 -10.69 30.54
C ILE A 485 14.42 -9.40 30.33
N ASP A 486 15.31 -9.38 29.34
CA ASP A 486 16.08 -8.18 29.07
C ASP A 486 15.16 -7.03 28.67
N ARG A 487 14.18 -7.30 27.80
CA ARG A 487 13.25 -6.25 27.39
C ARG A 487 12.42 -5.76 28.57
N TRP A 488 11.98 -6.69 29.43
CA TRP A 488 11.19 -6.30 30.60
C TRP A 488 12.00 -5.41 31.54
N ASN A 489 13.25 -5.78 31.77
CA ASN A 489 14.11 -4.98 32.65
C ASN A 489 14.37 -3.61 32.05
N GLY A 490 14.61 -3.55 30.74
CA GLY A 490 14.82 -2.26 30.09
C GLY A 490 13.60 -1.35 30.18
N GLN A 491 12.41 -1.92 29.96
CA GLN A 491 11.20 -1.11 30.08
C GLN A 491 10.96 -0.66 31.51
N GLN A 492 11.26 -1.51 32.49
CA GLN A 492 11.13 -1.09 33.88
C GLN A 492 12.08 0.05 34.21
N ALA A 493 13.34 -0.04 33.75
CA ALA A 493 14.30 1.02 33.97
C ALA A 493 13.84 2.32 33.31
N TYR A 494 13.28 2.22 32.10
CA TYR A 494 12.72 3.40 31.44
C TYR A 494 11.58 3.99 32.26
N LEU A 495 10.73 3.14 32.83
CA LEU A 495 9.67 3.58 33.72
C LEU A 495 10.18 4.22 34.99
N ALA A 496 11.40 3.88 35.43
CA ALA A 496 11.93 4.41 36.68
C ALA A 496 12.10 5.92 36.64
N LYS A 497 12.11 6.54 35.46
CA LYS A 497 12.26 7.97 35.36
C LYS A 497 11.05 8.70 35.95
N THR A 498 11.32 9.83 36.58
CA THR A 498 10.27 10.61 37.22
C THR A 498 9.51 11.42 36.17
N PRO A 499 8.17 11.29 36.09
CA PRO A 499 7.42 12.08 35.10
C PRO A 499 7.27 13.54 35.51
N ALA A 500 6.68 14.34 34.63
CA ALA A 500 6.57 15.77 34.87
C ALA A 500 5.62 16.08 36.03
N LEU A 501 5.98 17.07 36.83
CA LEU A 501 5.12 17.48 37.94
C LEU A 501 3.82 18.11 37.44
N GLN A 502 3.88 18.87 36.35
CA GLN A 502 2.66 19.42 35.76
C GLN A 502 1.74 18.30 35.29
N ASP A 503 2.30 17.28 34.65
CA ASP A 503 1.51 16.14 34.22
C ASP A 503 0.94 15.39 35.42
N THR A 504 1.71 15.27 36.50
CA THR A 504 1.21 14.62 37.71
C THR A 504 0.03 15.40 38.29
N ALA A 505 0.13 16.72 38.33
CA ALA A 505 -0.98 17.54 38.81
C ALA A 505 -2.20 17.42 37.90
N LEU A 506 -1.98 17.37 36.58
CA LEU A 506 -3.09 17.20 35.65
C LEU A 506 -3.78 15.87 35.87
N VAL A 507 -3.01 14.80 36.07
CA VAL A 507 -3.61 13.49 36.32
C VAL A 507 -4.34 13.47 37.65
N ARG A 508 -3.79 14.14 38.66
CA ARG A 508 -4.47 14.24 39.95
C ARG A 508 -5.81 14.95 39.81
N SER A 509 -5.84 16.05 39.05
CA SER A 509 -7.10 16.74 38.80
C SER A 509 -8.07 15.86 38.02
N ALA A 510 -7.57 15.11 37.05
CA ALA A 510 -8.44 14.23 36.26
C ALA A 510 -9.08 13.15 37.14
N LEU A 511 -8.28 12.52 38.01
CA LEU A 511 -8.84 11.50 38.89
C LEU A 511 -9.77 12.11 39.94
N GLU A 512 -9.47 13.34 40.40
CA GLU A 512 -10.38 14.02 41.31
C GLU A 512 -11.72 14.29 40.64
N ALA A 513 -11.70 14.73 39.38
CA ALA A 513 -12.94 14.92 38.65
C ALA A 513 -13.68 13.62 38.44
N VAL A 514 -12.95 12.53 38.15
CA VAL A 514 -13.59 11.24 37.95
C VAL A 514 -14.28 10.77 39.23
N MET A 515 -13.60 10.89 40.37
CA MET A 515 -14.21 10.48 41.62
C MET A 515 -15.35 11.41 42.04
N LYS A 516 -15.27 12.69 41.69
CA LYS A 516 -16.39 13.59 41.94
C LYS A 516 -17.61 13.17 41.12
N TRP A 517 -17.40 12.82 39.85
CA TRP A 517 -18.51 12.34 39.03
C TRP A 517 -19.07 11.04 39.58
N LEU A 518 -18.20 10.14 40.05
CA LEU A 518 -18.67 8.89 40.65
C LEU A 518 -19.51 9.16 41.90
N ASN A 519 -19.06 10.10 42.74
CA ASN A 519 -19.84 10.44 43.93
C ASN A 519 -21.18 11.08 43.55
N SER A 520 -21.17 11.92 42.52
CA SER A 520 -22.43 12.52 42.05
C SER A 520 -23.39 11.47 41.54
N LEU A 521 -22.87 10.45 40.85
CA LEU A 521 -23.68 9.30 40.47
C LEU A 521 -24.12 8.59 41.75
N ALA A 522 -25.39 8.76 42.11
CA ALA A 522 -25.87 8.27 43.40
C ALA A 522 -25.82 6.75 43.47
N ALA A 523 -26.22 6.06 42.41
CA ALA A 523 -26.17 4.61 42.41
C ALA A 523 -24.73 4.11 42.47
N ALA A 524 -23.84 4.76 41.73
CA ALA A 524 -22.44 4.33 41.69
C ALA A 524 -21.71 4.60 43.01
N ALA A 525 -22.10 5.64 43.74
CA ALA A 525 -21.48 5.98 45.01
C ALA A 525 -21.95 4.99 46.07
N GLY A 526 -21.22 3.88 46.17
CA GLY A 526 -21.53 2.85 47.14
C GLY A 526 -20.50 2.73 48.24
N LEU A 527 -19.66 1.69 48.17
CA LEU A 527 -18.63 1.46 49.17
C LEU A 527 -17.32 1.09 48.49
N GLU A 528 -16.21 1.51 49.10
CA GLU A 528 -14.89 1.17 48.62
C GLU A 528 -14.01 0.83 49.82
N ASN A 529 -13.00 -0.01 49.59
CA ASN A 529 -12.15 -0.51 50.67
C ASN A 529 -10.66 -0.42 50.40
N TYR A 530 -10.22 -0.31 49.16
CA TYR A 530 -8.79 -0.34 48.83
C TYR A 530 -8.38 0.97 48.18
N LEU A 531 -7.56 1.75 48.90
CA LEU A 531 -6.80 2.88 48.36
C LEU A 531 -7.70 4.08 48.05
N ASP A 532 -9.02 3.89 48.11
CA ASP A 532 -9.96 4.99 47.92
C ASP A 532 -10.87 5.20 49.11
N GLU A 533 -11.46 4.13 49.63
CA GLU A 533 -12.31 4.17 50.82
C GLU A 533 -13.42 5.22 50.68
N LYS A 534 -14.14 5.15 49.56
CA LYS A 534 -15.26 6.03 49.22
C LYS A 534 -14.97 7.48 49.61
N ARG A 535 -13.91 8.02 48.99
CA ARG A 535 -13.44 9.40 49.08
C ARG A 535 -12.95 9.78 50.48
N ASN A 536 -12.97 8.86 51.45
CA ASN A 536 -12.51 9.17 52.80
C ASN A 536 -11.00 9.09 52.94
N LEU A 537 -10.28 8.66 51.91
CA LEU A 537 -8.83 8.55 51.95
C LEU A 537 -8.18 9.73 51.23
N ARG A 538 -6.86 9.64 51.07
CA ARG A 538 -6.09 10.71 50.45
C ARG A 538 -6.09 10.53 48.93
N LEU A 539 -5.19 11.26 48.25
CA LEU A 539 -5.09 11.19 46.80
C LEU A 539 -4.34 9.93 46.37
N GLU A 540 -4.05 9.85 45.08
CA GLU A 540 -3.39 8.69 44.47
C GLU A 540 -2.06 9.14 43.87
N LEU A 541 -1.00 9.09 44.68
CA LEU A 541 0.36 9.39 44.24
C LEU A 541 1.31 8.35 44.83
N ASP A 542 0.96 7.07 44.67
CA ASP A 542 1.76 6.01 45.25
C ASP A 542 3.18 6.03 44.68
N PRO A 543 4.19 5.83 45.51
CA PRO A 543 5.58 5.87 45.03
C PRO A 543 5.85 4.74 44.05
N PRO A 544 6.65 4.98 43.01
CA PRO A 544 6.97 3.92 42.07
C PRO A 544 7.81 2.82 42.70
N THR A 545 7.62 1.61 42.20
CA THR A 545 8.42 0.46 42.61
C THR A 545 8.38 -0.55 41.47
N PRO A 546 9.34 -0.49 40.55
CA PRO A 546 9.36 -1.46 39.45
C PRO A 546 9.60 -2.87 39.96
N CYS A 547 8.98 -3.84 39.29
CA CYS A 547 9.15 -5.26 39.62
C CYS A 547 10.00 -5.90 38.53
N TRP A 548 11.28 -6.09 38.86
CA TRP A 548 12.22 -6.70 37.93
C TRP A 548 11.97 -8.20 37.82
N ILE A 549 12.83 -8.88 37.06
CA ILE A 549 12.77 -10.33 36.91
C ILE A 549 14.05 -10.90 37.50
N ASN A 550 14.50 -10.31 38.61
CA ASN A 550 15.75 -10.70 39.25
C ASN A 550 15.63 -11.92 40.15
N ALA A 551 14.42 -12.43 40.37
CA ALA A 551 14.26 -13.59 41.23
C ALA A 551 14.92 -14.82 40.60
N PRO A 552 15.69 -15.59 41.35
CA PRO A 552 16.40 -16.74 40.76
C PRO A 552 15.46 -17.80 40.19
N GLU A 553 14.23 -17.91 40.71
CA GLU A 553 13.26 -18.81 40.10
C GLU A 553 12.87 -18.32 38.70
N GLN A 554 12.73 -17.01 38.54
CA GLN A 554 12.35 -16.46 37.24
C GLN A 554 13.51 -16.49 36.25
N LEU A 555 14.74 -16.31 36.74
CA LEU A 555 15.90 -16.44 35.85
C LEU A 555 15.96 -17.85 35.29
N PRO A 556 16.00 -18.03 33.98
CA PRO A 556 16.15 -19.38 33.43
C PRO A 556 17.55 -19.92 33.67
N GLN A 557 17.61 -21.21 33.96
CA GLN A 557 18.90 -21.87 34.12
C GLN A 557 19.58 -22.01 32.76
N GLU A 558 20.90 -21.95 32.76
CA GLU A 558 21.64 -22.18 31.52
C GLU A 558 21.41 -23.61 31.06
N PRO A 559 20.97 -23.80 29.81
CA PRO A 559 20.72 -25.14 29.30
C PRO A 559 21.97 -25.76 28.68
N GLU A 560 22.02 -27.09 28.77
CA GLU A 560 23.12 -27.85 28.21
C GLU A 560 23.03 -27.87 26.68
N VAL A 561 24.15 -28.24 26.05
CA VAL A 561 24.21 -28.34 24.60
C VAL A 561 23.88 -29.77 24.18
N ARG A 562 22.74 -29.95 23.52
CA ARG A 562 22.31 -31.25 23.05
C ARG A 562 22.54 -31.39 21.56
N ARG A 563 22.48 -32.63 21.09
CA ARG A 563 22.91 -33.00 19.74
C ARG A 563 21.72 -33.41 18.91
N GLY A 564 21.74 -33.05 17.63
CA GLY A 564 20.71 -33.47 16.69
C GLY A 564 19.43 -32.69 16.88
N GLY A 565 18.30 -33.37 16.74
CA GLY A 565 17.00 -32.74 16.91
C GLY A 565 16.63 -31.78 15.80
N MET A 566 16.58 -30.49 16.14
CA MET A 566 16.21 -29.45 15.18
C MET A 566 16.85 -28.15 15.67
N THR A 567 17.99 -27.80 15.10
CA THR A 567 18.69 -26.60 15.55
C THR A 567 17.89 -25.35 15.18
N VAL A 568 17.82 -24.40 16.12
CA VAL A 568 17.03 -23.19 15.97
C VAL A 568 17.88 -21.98 16.31
N GLN A 569 17.77 -20.92 15.50
CA GLN A 569 18.32 -19.62 15.84
C GLN A 569 17.19 -18.63 16.00
N VAL A 570 17.35 -17.70 16.93
CA VAL A 570 16.39 -16.62 17.16
C VAL A 570 16.97 -15.34 16.61
N LEU A 571 16.20 -14.64 15.80
CA LEU A 571 16.63 -13.42 15.14
C LEU A 571 15.82 -12.24 15.65
N ARG A 572 16.50 -11.12 15.88
CA ARG A 572 15.87 -9.90 16.36
C ARG A 572 16.40 -8.73 15.55
N SER A 573 15.54 -7.73 15.36
CA SER A 573 15.95 -6.43 14.86
C SER A 573 15.58 -5.40 15.91
N ALA A 574 16.52 -4.52 16.25
CA ALA A 574 16.30 -3.55 17.30
C ALA A 574 17.22 -2.36 17.08
N ALA A 575 16.90 -1.27 17.76
CA ALA A 575 17.60 0.00 17.60
C ALA A 575 18.61 0.21 18.71
N ALA A 576 19.49 1.19 18.46
CA ALA A 576 20.51 1.53 19.45
C ALA A 576 19.89 2.03 20.73
N ARG A 577 18.80 2.80 20.63
CA ARG A 577 18.11 3.26 21.83
C ARG A 577 17.58 2.09 22.63
N MET A 578 16.99 1.11 21.95
CA MET A 578 16.46 -0.06 22.66
C MET A 578 17.58 -0.84 23.34
N LEU A 579 18.70 -1.00 22.65
CA LEU A 579 19.83 -1.75 23.24
C LEU A 579 20.41 -1.04 24.45
N GLU A 580 20.56 0.29 24.37
CA GLU A 580 21.08 1.02 25.52
C GLU A 580 20.08 1.04 26.67
N GLN A 581 18.77 1.04 26.37
CA GLN A 581 17.78 0.88 27.43
C GLN A 581 17.87 -0.50 28.08
N GLU A 582 18.16 -1.54 27.29
CA GLU A 582 18.28 -2.86 27.90
C GLU A 582 19.55 -2.95 28.75
N GLN A 583 20.63 -2.30 28.34
CA GLN A 583 21.82 -2.22 29.19
C GLN A 583 21.50 -1.49 30.49
N ALA A 584 20.77 -0.38 30.40
CA ALA A 584 20.37 0.34 31.60
C ALA A 584 19.52 -0.55 32.51
N GLY A 585 18.62 -1.32 31.93
CA GLY A 585 17.80 -2.23 32.72
C GLY A 585 18.60 -3.31 33.40
N ARG A 586 19.57 -3.90 32.69
CA ARG A 586 20.43 -4.91 33.30
C ARG A 586 21.21 -4.33 34.47
N LEU A 587 21.80 -3.14 34.29
CA LEU A 587 22.53 -2.52 35.39
C LEU A 587 21.61 -2.17 36.56
N GLY A 588 20.41 -1.67 36.27
CA GLY A 588 19.50 -1.30 37.34
C GLY A 588 19.00 -2.49 38.13
N ALA A 589 18.64 -3.57 37.46
CA ALA A 589 18.12 -4.75 38.15
C ALA A 589 19.22 -5.69 38.62
N GLY A 590 20.48 -5.41 38.30
CA GLY A 590 21.55 -6.29 38.71
C GLY A 590 21.45 -7.68 38.11
N VAL A 591 20.94 -7.78 36.90
CA VAL A 591 20.74 -9.07 36.23
C VAL A 591 21.65 -9.10 35.01
N ASN A 592 22.46 -10.15 34.93
CA ASN A 592 23.35 -10.36 33.78
C ASN A 592 23.39 -11.86 33.51
N LEU A 593 22.51 -12.30 32.61
CA LEU A 593 22.51 -13.71 32.22
C LEU A 593 23.79 -14.03 31.46
N PRO A 594 24.33 -15.24 31.62
CA PRO A 594 25.49 -15.63 30.80
C PRO A 594 25.14 -15.60 29.32
N LEU A 595 26.09 -15.18 28.51
CA LEU A 595 25.91 -14.98 27.08
C LEU A 595 26.95 -15.77 26.30
N GLN A 596 26.63 -16.10 25.06
CA GLN A 596 27.54 -16.84 24.20
C GLN A 596 28.57 -15.87 23.63
N VAL A 597 29.52 -16.39 22.86
CA VAL A 597 30.58 -15.58 22.25
C VAL A 597 30.14 -15.21 20.85
N GLY A 598 30.08 -13.91 20.57
CA GLY A 598 29.56 -13.39 19.33
C GLY A 598 28.30 -12.57 19.47
N VAL A 599 27.82 -12.35 20.68
CA VAL A 599 26.64 -11.54 20.95
C VAL A 599 27.08 -10.13 21.28
N SER A 600 26.28 -9.15 20.88
CA SER A 600 26.51 -7.76 21.20
C SER A 600 25.32 -7.21 21.97
N THR A 601 25.54 -6.10 22.66
CA THR A 601 24.50 -5.45 23.43
C THR A 601 24.35 -3.96 23.12
N GLU A 602 25.27 -3.37 22.36
CA GLU A 602 25.14 -2.01 21.86
C GLU A 602 25.25 -2.02 20.34
N GLY A 603 24.40 -1.24 19.69
CA GLY A 603 24.38 -1.18 18.24
C GLY A 603 23.00 -1.35 17.64
N VAL A 604 22.92 -1.95 16.46
CA VAL A 604 21.64 -2.21 15.80
C VAL A 604 21.65 -3.64 15.28
N GLN A 605 20.49 -4.29 15.36
CA GLN A 605 20.29 -5.62 14.79
C GLN A 605 19.40 -5.52 13.56
N SER A 606 19.78 -6.26 12.52
CA SER A 606 18.94 -6.54 11.35
C SER A 606 19.01 -8.02 11.02
N ASN A 607 18.79 -8.84 12.05
CA ASN A 607 19.02 -10.28 11.92
C ASN A 607 18.10 -10.90 10.88
N CYS A 608 16.84 -10.48 10.83
CA CYS A 608 15.91 -11.04 9.85
C CYS A 608 16.35 -10.70 8.43
N LYS A 609 16.71 -9.43 8.19
CA LYS A 609 17.11 -9.02 6.85
C LYS A 609 18.42 -9.69 6.42
N ASP A 610 19.43 -9.67 7.29
CA ASP A 610 20.70 -10.29 6.95
C ASP A 610 20.56 -11.80 6.79
N ALA A 611 19.68 -12.41 7.59
CA ALA A 611 19.44 -13.85 7.48
C ALA A 611 18.80 -14.20 6.14
N MET A 612 17.80 -13.42 5.72
CA MET A 612 17.22 -13.62 4.40
C MET A 612 18.26 -13.41 3.32
N LEU A 613 19.10 -12.39 3.45
CA LEU A 613 20.15 -12.15 2.46
C LEU A 613 21.11 -13.33 2.38
N LEU A 614 21.52 -13.89 3.52
CA LEU A 614 22.47 -15.00 3.50
C LEU A 614 21.84 -16.26 2.94
N ALA A 615 20.58 -16.53 3.28
CA ALA A 615 19.90 -17.68 2.68
C ALA A 615 19.78 -17.53 1.17
N ILE A 616 19.48 -16.31 0.70
CA ILE A 616 19.40 -16.07 -0.73
C ILE A 616 20.75 -16.28 -1.40
N SER A 617 21.82 -15.80 -0.76
CA SER A 617 23.15 -15.93 -1.35
C SER A 617 23.65 -17.36 -1.29
N GLY A 618 23.09 -18.18 -0.41
CA GLY A 618 23.53 -19.56 -0.32
C GLY A 618 22.63 -20.60 -0.94
N ALA A 619 21.46 -20.21 -1.44
CA ALA A 619 20.52 -21.18 -2.00
C ALA A 619 21.10 -21.86 -3.23
N GLN A 620 20.67 -23.09 -3.48
CA GLN A 620 21.20 -23.90 -4.57
C GLN A 620 20.19 -24.23 -5.65
N GLN A 621 19.02 -24.74 -5.28
CA GLN A 621 18.06 -25.21 -6.27
C GLN A 621 16.79 -24.37 -6.31
N PHE A 622 16.07 -24.23 -5.20
CA PHE A 622 14.78 -23.55 -5.23
C PHE A 622 14.58 -22.78 -3.93
N ILE A 623 13.69 -21.80 -4.01
CA ILE A 623 13.24 -21.02 -2.84
C ILE A 623 11.73 -20.83 -2.96
N TYR A 624 11.03 -20.98 -1.85
CA TYR A 624 9.60 -20.70 -1.76
C TYR A 624 9.36 -19.63 -0.71
N ILE A 625 8.63 -18.58 -1.10
CA ILE A 625 8.34 -17.46 -0.21
C ILE A 625 6.82 -17.34 -0.10
N GLU A 626 6.34 -16.96 1.08
CA GLU A 626 4.93 -16.75 1.32
C GLU A 626 4.80 -15.67 2.37
N ASN A 627 4.38 -14.48 1.97
CA ASN A 627 4.59 -13.30 2.80
C ASN A 627 3.28 -12.53 2.91
N GLN A 628 3.38 -11.26 3.30
CA GLN A 628 2.27 -10.31 3.37
C GLN A 628 2.51 -9.04 2.56
N PHE A 629 3.73 -8.52 2.55
CA PHE A 629 4.05 -7.26 1.87
C PHE A 629 5.18 -7.51 0.87
N PHE A 630 5.35 -6.56 -0.05
CA PHE A 630 6.49 -6.60 -0.97
C PHE A 630 6.84 -5.17 -1.36
N GLN A 631 7.86 -4.60 -0.70
CA GLN A 631 8.29 -3.20 -0.92
C GLN A 631 9.81 -3.16 -0.81
N SER A 632 10.48 -3.24 -1.94
CA SER A 632 11.92 -3.06 -2.05
C SER A 632 12.24 -2.04 -3.14
N GLU A 633 13.52 -1.88 -3.44
CA GLU A 633 13.92 -0.95 -4.48
C GLU A 633 13.43 -1.41 -5.85
N PHE A 634 13.05 -0.44 -6.68
CA PHE A 634 12.64 -0.75 -8.05
C PHE A 634 13.21 0.24 -9.06
N GLY A 635 14.11 1.12 -8.66
CA GLY A 635 14.61 2.12 -9.57
C GLY A 635 13.67 3.31 -9.65
N LYS A 636 13.83 4.08 -10.72
CA LYS A 636 12.89 5.15 -11.00
C LYS A 636 11.65 4.59 -11.69
N GLU A 637 10.51 5.17 -11.38
CA GLU A 637 9.23 4.61 -11.82
C GLU A 637 9.14 4.55 -13.33
N GLY A 638 8.61 3.44 -13.84
CA GLY A 638 8.42 3.26 -15.26
C GLY A 638 6.94 3.28 -15.64
N GLU A 639 6.65 3.85 -16.81
CA GLU A 639 5.28 4.04 -17.32
C GLU A 639 4.49 5.06 -16.49
N VAL A 640 5.13 5.67 -15.50
CA VAL A 640 4.51 6.71 -14.68
C VAL A 640 5.46 7.90 -14.64
N PHE A 641 4.93 9.08 -14.91
CA PHE A 641 5.75 10.28 -15.06
C PHE A 641 5.11 11.46 -14.34
N LYS A 642 5.94 12.46 -14.03
CA LYS A 642 5.49 13.60 -13.23
C LYS A 642 4.62 14.55 -14.04
N ASP A 643 4.84 14.62 -15.35
CA ASP A 643 3.97 15.42 -16.20
C ASP A 643 2.59 14.80 -16.32
N LEU A 644 2.50 13.50 -16.13
CA LEU A 644 1.24 12.79 -16.24
C LEU A 644 0.30 13.22 -15.12
N PRO A 645 -0.97 13.48 -15.40
CA PRO A 645 -1.86 13.96 -14.35
C PRO A 645 -2.11 12.89 -13.29
N LEU A 646 -2.50 13.35 -12.11
CA LEU A 646 -2.78 12.43 -11.02
C LEU A 646 -4.01 11.60 -11.39
N SER A 647 -4.00 10.32 -11.00
CA SER A 647 -4.99 9.37 -11.48
C SER A 647 -6.40 9.82 -11.12
N GLY A 648 -7.38 9.16 -11.73
CA GLY A 648 -8.78 9.51 -11.54
C GLY A 648 -9.25 9.41 -10.10
N PRO A 649 -9.29 8.18 -9.56
CA PRO A 649 -9.73 8.03 -8.17
C PRO A 649 -8.86 8.76 -7.17
N MET A 650 -7.53 8.71 -7.34
CA MET A 650 -6.65 9.37 -6.39
C MET A 650 -6.81 10.87 -6.43
N ALA A 651 -6.99 11.44 -7.62
CA ALA A 651 -7.24 12.87 -7.74
C ALA A 651 -8.57 13.24 -7.09
N SER A 652 -9.59 12.39 -7.26
CA SER A 652 -10.85 12.62 -6.58
C SER A 652 -10.68 12.65 -5.07
N LEU A 653 -9.85 11.76 -4.53
CA LEU A 653 -9.59 11.78 -3.09
C LEU A 653 -8.76 12.98 -2.68
N ARG A 654 -7.79 13.37 -3.51
CA ARG A 654 -6.76 14.31 -3.10
C ARG A 654 -7.24 15.75 -3.22
N ASP A 655 -7.69 16.15 -4.41
CA ASP A 655 -8.12 17.53 -4.59
C ASP A 655 -9.46 17.77 -3.90
N VAL A 656 -9.58 18.94 -3.25
CA VAL A 656 -10.76 19.26 -2.48
C VAL A 656 -11.56 20.42 -3.09
N GLY A 657 -10.97 21.18 -4.01
CA GLY A 657 -11.69 22.28 -4.62
C GLY A 657 -12.23 21.95 -6.01
N SER A 658 -11.94 20.74 -6.49
CA SER A 658 -12.35 20.37 -7.84
C SER A 658 -13.87 20.25 -7.97
N LEU A 659 -14.54 19.78 -6.92
CA LEU A 659 -15.97 19.52 -6.98
C LEU A 659 -16.72 20.67 -6.30
N ARG A 660 -17.68 21.26 -7.01
CA ARG A 660 -18.50 22.36 -6.51
C ARG A 660 -17.63 23.55 -6.08
N ARG A 661 -17.01 24.17 -7.08
CA ARG A 661 -16.21 25.37 -6.83
C ARG A 661 -17.07 26.48 -6.23
N ASP A 662 -18.30 26.65 -6.72
CA ASP A 662 -19.19 27.66 -6.16
C ASP A 662 -19.55 27.35 -4.71
N PHE A 663 -19.74 26.07 -4.38
CA PHE A 663 -20.03 25.68 -3.01
C PHE A 663 -18.82 25.75 -2.10
N VAL A 664 -17.60 25.73 -2.64
CA VAL A 664 -16.41 25.79 -1.79
C VAL A 664 -15.97 27.24 -1.60
N VAL A 665 -16.22 28.11 -2.58
CA VAL A 665 -15.80 29.49 -2.43
C VAL A 665 -16.66 30.25 -1.43
N ARG A 666 -17.81 29.70 -1.04
CA ARG A 666 -18.61 30.34 0.00
C ARG A 666 -18.18 29.88 1.38
N ILE A 667 -17.86 28.59 1.53
CA ILE A 667 -17.42 28.08 2.83
C ILE A 667 -16.02 28.59 3.18
N ARG A 668 -15.12 28.64 2.19
CA ARG A 668 -13.77 29.18 2.39
C ARG A 668 -13.06 28.50 3.55
N LEU A 669 -13.27 27.20 3.70
CA LEU A 669 -12.59 26.44 4.74
C LEU A 669 -11.19 26.00 4.35
N GLU A 670 -10.66 26.51 3.23
CA GLU A 670 -9.30 26.17 2.84
C GLU A 670 -8.30 26.60 3.90
N GLU A 671 -8.42 27.85 4.37
CA GLU A 671 -7.54 28.33 5.43
C GLU A 671 -7.77 27.58 6.73
N ALA A 672 -9.03 27.21 6.99
CA ALA A 672 -9.34 26.44 8.19
C ALA A 672 -8.64 25.09 8.17
N LEU A 673 -8.68 24.40 7.03
CA LEU A 673 -8.05 23.09 6.93
C LEU A 673 -6.53 23.22 6.86
N GLU A 674 -6.03 24.36 6.39
CA GLU A 674 -4.59 24.60 6.41
C GLU A 674 -4.08 24.85 7.82
N GLN A 675 -4.87 25.54 8.63
CA GLN A 675 -4.45 25.91 9.98
C GLN A 675 -4.88 24.91 11.05
N ARG A 676 -5.73 23.94 10.71
CA ARG A 676 -6.10 22.84 11.61
C ARG A 676 -6.74 23.37 12.90
N ASP A 677 -7.93 23.93 12.73
CA ASP A 677 -8.67 24.51 13.85
C ASP A 677 -10.16 24.28 13.69
N LEU A 678 -10.77 23.58 14.66
CA LEU A 678 -12.22 23.40 14.65
C LEU A 678 -12.94 24.73 14.78
N TRP A 679 -12.45 25.62 15.63
CA TRP A 679 -13.06 26.94 15.77
C TRP A 679 -12.92 27.76 14.50
N LEU A 680 -11.77 27.66 13.82
CA LEU A 680 -11.59 28.36 12.55
C LEU A 680 -12.50 27.79 11.48
N LEU A 681 -12.83 26.50 11.56
CA LEU A 681 -13.88 25.95 10.70
C LEU A 681 -15.17 26.73 10.93
N ASP A 682 -15.81 27.14 9.84
CA ASP A 682 -16.92 28.10 9.92
C ASP A 682 -18.22 27.33 10.08
N TRP A 683 -18.77 27.39 11.30
CA TRP A 683 -20.04 26.73 11.58
C TRP A 683 -21.16 27.28 10.72
N ALA A 684 -21.18 28.61 10.52
CA ALA A 684 -22.24 29.21 9.70
C ALA A 684 -22.22 28.66 8.28
N GLU A 685 -21.02 28.58 7.68
CA GLU A 685 -20.93 28.10 6.30
C GLU A 685 -21.24 26.61 6.21
N VAL A 686 -20.75 25.80 7.16
CA VAL A 686 -21.04 24.37 7.07
C VAL A 686 -22.54 24.12 7.29
N GLU A 687 -23.17 24.89 8.18
CA GLU A 687 -24.61 24.77 8.35
C GLU A 687 -25.37 25.22 7.11
N LYS A 688 -24.92 26.29 6.46
CA LYS A 688 -25.56 26.74 5.23
C LYS A 688 -25.48 25.66 4.16
N ILE A 689 -24.32 25.03 4.03
CA ILE A 689 -24.15 23.98 3.02
C ILE A 689 -25.01 22.77 3.36
N ALA A 690 -25.10 22.42 4.65
CA ALA A 690 -25.97 21.33 5.05
C ALA A 690 -27.43 21.63 4.74
N GLN A 691 -27.85 22.87 4.97
CA GLN A 691 -29.23 23.28 4.71
C GLN A 691 -29.50 23.59 3.24
N GLU A 692 -28.47 23.59 2.41
CA GLU A 692 -28.67 23.79 0.97
C GLU A 692 -29.49 22.65 0.39
N PRO A 693 -30.39 22.94 -0.55
CA PRO A 693 -31.25 21.88 -1.10
C PRO A 693 -30.46 20.91 -1.96
N GLY A 694 -30.96 19.68 -2.03
CA GLY A 694 -30.36 18.66 -2.87
C GLY A 694 -29.99 17.39 -2.13
N THR A 695 -30.44 16.25 -2.65
CA THR A 695 -29.99 14.96 -2.11
C THR A 695 -28.49 14.77 -2.34
N GLU A 696 -28.00 15.18 -3.51
CA GLU A 696 -26.57 15.11 -3.78
C GLU A 696 -25.80 15.97 -2.78
N ALA A 697 -26.34 17.13 -2.41
CA ALA A 697 -25.72 17.94 -1.37
C ALA A 697 -25.76 17.21 -0.03
N ARG A 698 -26.85 16.53 0.28
CA ARG A 698 -26.96 15.81 1.54
C ARG A 698 -25.90 14.72 1.64
N GLN A 699 -25.63 14.02 0.52
CA GLN A 699 -24.53 13.06 0.51
C GLN A 699 -23.18 13.76 0.54
N PHE A 700 -23.10 14.95 -0.06
CA PHE A 700 -21.84 15.69 -0.12
C PHE A 700 -21.40 16.14 1.27
N LEU A 701 -22.35 16.41 2.16
CA LEU A 701 -21.98 16.75 3.54
C LEU A 701 -21.20 15.62 4.20
N LYS A 702 -21.71 14.38 4.11
CA LYS A 702 -20.99 13.24 4.66
C LYS A 702 -19.67 13.02 3.94
N SER A 703 -19.67 13.19 2.61
CA SER A 703 -18.44 13.00 1.83
C SER A 703 -17.36 13.98 2.28
N MET A 704 -17.72 15.25 2.46
CA MET A 704 -16.73 16.26 2.84
C MET A 704 -16.32 16.11 4.29
N LEU A 705 -17.22 15.62 5.16
CA LEU A 705 -16.81 15.29 6.53
C LEU A 705 -15.77 14.19 6.51
N ALA A 706 -15.97 13.17 5.67
CA ALA A 706 -14.96 12.12 5.53
C ALA A 706 -13.65 12.67 4.98
N MET A 707 -13.75 13.57 3.99
CA MET A 707 -12.54 14.18 3.43
C MET A 707 -11.77 14.96 4.49
N TRP A 708 -12.47 15.71 5.34
CA TRP A 708 -11.79 16.39 6.43
C TRP A 708 -11.16 15.40 7.40
N GLY A 709 -11.88 14.32 7.72
CA GLY A 709 -11.31 13.32 8.59
C GLY A 709 -10.03 12.74 8.04
N VAL A 710 -9.96 12.56 6.72
CA VAL A 710 -8.75 12.06 6.10
C VAL A 710 -7.65 13.12 6.12
N ASN A 711 -7.98 14.37 5.77
CA ASN A 711 -6.98 15.38 5.46
C ASN A 711 -6.69 16.33 6.62
N ALA A 712 -7.22 16.08 7.82
CA ALA A 712 -7.02 17.01 8.93
C ALA A 712 -5.54 17.17 9.27
N GLN A 713 -4.80 16.07 9.32
CA GLN A 713 -3.36 16.12 9.63
C GLN A 713 -2.60 15.65 8.40
N GLY A 714 -2.00 16.60 7.68
CA GLY A 714 -1.22 16.29 6.50
C GLY A 714 0.20 16.81 6.56
N TRP A 715 0.65 17.18 7.76
CA TRP A 715 1.97 17.76 7.97
C TRP A 715 2.76 17.02 9.03
N LEU A 716 2.75 15.68 9.01
CA LEU A 716 3.38 14.92 10.08
C LEU A 716 4.88 15.17 10.13
N THR A 717 5.61 14.69 9.12
CA THR A 717 7.05 14.93 9.00
C THR A 717 7.42 14.91 7.52
N HIS A 718 7.51 16.07 6.89
CA HIS A 718 7.89 16.11 5.48
C HIS A 718 9.34 16.52 5.29
N LYS A 719 9.75 17.65 5.86
CA LYS A 719 11.09 18.19 5.62
C LYS A 719 12.10 17.72 6.65
N LEU A 720 11.92 16.52 7.20
CA LEU A 720 12.97 15.91 8.02
C LEU A 720 14.12 15.58 7.08
N GLY A 721 15.05 16.51 6.94
CA GLY A 721 15.94 16.50 5.80
C GLY A 721 15.22 17.09 4.60
N GLU A 722 15.09 16.31 3.53
CA GLU A 722 14.32 16.72 2.37
C GLU A 722 13.54 15.52 1.85
N ALA A 723 12.50 15.82 1.07
CA ALA A 723 11.67 14.76 0.50
C ALA A 723 12.50 13.89 -0.43
N GLN A 724 12.38 12.57 -0.23
CA GLN A 724 13.07 11.60 -1.07
C GLN A 724 12.10 10.49 -1.41
N HIS A 725 12.44 9.76 -2.46
CA HIS A 725 11.67 8.61 -2.89
C HIS A 725 12.59 7.40 -3.00
N GLY A 726 12.02 6.23 -2.77
CA GLY A 726 12.81 5.02 -2.88
C GLY A 726 12.74 4.16 -1.64
N LEU A 727 12.73 2.85 -1.86
CA LEU A 727 12.69 1.88 -0.79
C LEU A 727 14.12 1.43 -0.49
N LEU A 728 14.34 0.96 0.73
CA LEU A 728 15.69 0.70 1.21
C LEU A 728 16.04 -0.79 1.25
N ASN A 729 15.13 -1.65 1.69
CA ASN A 729 15.48 -3.05 1.87
C ASN A 729 15.75 -3.72 0.52
N GLU A 730 16.55 -4.78 0.56
CA GLU A 730 17.16 -5.32 -0.65
C GLU A 730 16.78 -6.79 -0.92
N ILE A 731 15.61 -7.24 -0.46
CA ILE A 731 15.24 -8.63 -0.68
C ILE A 731 14.92 -8.87 -2.15
N GLY A 732 14.23 -7.93 -2.78
CA GLY A 732 13.94 -8.07 -4.20
C GLY A 732 15.19 -8.15 -5.05
N GLU A 733 16.16 -7.27 -4.79
CA GLU A 733 17.38 -7.35 -5.57
C GLU A 733 18.23 -8.54 -5.16
N ALA A 734 18.05 -9.08 -3.95
CA ALA A 734 18.71 -10.33 -3.61
C ALA A 734 18.19 -11.48 -4.46
N LEU A 735 16.87 -11.59 -4.59
CA LEU A 735 16.29 -12.60 -5.48
C LEU A 735 16.79 -12.39 -6.90
N ALA A 736 16.81 -11.13 -7.36
CA ALA A 736 17.24 -10.85 -8.72
C ALA A 736 18.70 -11.26 -8.94
N ARG A 737 19.58 -10.98 -7.98
CA ARG A 737 20.99 -11.32 -8.15
C ARG A 737 21.21 -12.83 -8.15
N ARG A 738 20.51 -13.55 -7.28
CA ARG A 738 20.64 -15.01 -7.31
C ARG A 738 20.11 -15.58 -8.63
N ILE A 739 18.98 -15.06 -9.11
CA ILE A 739 18.43 -15.48 -10.39
C ILE A 739 19.43 -15.20 -11.51
N GLU A 740 20.10 -14.05 -11.45
CA GLU A 740 21.06 -13.69 -12.48
C GLU A 740 22.32 -14.57 -12.42
N ARG A 741 22.75 -14.97 -11.22
CA ARG A 741 23.85 -15.93 -11.14
C ARG A 741 23.44 -17.27 -11.76
N ALA A 742 22.20 -17.69 -11.53
CA ALA A 742 21.70 -18.90 -12.17
C ALA A 742 21.69 -18.75 -13.69
N ILE A 743 21.29 -17.59 -14.19
CA ILE A 743 21.35 -17.33 -15.63
C ILE A 743 22.77 -17.42 -16.14
N GLN A 744 23.71 -16.79 -15.42
CA GLN A 744 25.10 -16.71 -15.87
C GLN A 744 25.74 -18.09 -15.93
N ARG A 745 25.48 -18.95 -14.94
CA ARG A 745 26.03 -20.29 -14.95
C ARG A 745 25.18 -21.28 -15.74
N GLU A 746 23.99 -20.89 -16.18
CA GLU A 746 23.12 -21.73 -16.99
C GLU A 746 22.85 -23.08 -16.30
N HIS A 747 22.33 -22.99 -15.09
CA HIS A 747 21.89 -24.17 -14.35
C HIS A 747 20.54 -23.86 -13.72
N PRO A 748 19.72 -24.89 -13.50
CA PRO A 748 18.36 -24.63 -13.02
C PRO A 748 18.29 -23.99 -11.64
N PHE A 749 17.40 -23.00 -11.50
CA PHE A 749 17.08 -22.36 -10.23
C PHE A 749 15.70 -21.72 -10.36
N HIS A 750 15.03 -21.52 -9.23
CA HIS A 750 13.68 -20.96 -9.25
C HIS A 750 13.36 -20.29 -7.91
N VAL A 751 12.37 -19.39 -7.97
CA VAL A 751 11.83 -18.69 -6.81
C VAL A 751 10.33 -18.51 -7.01
N TYR A 752 9.56 -18.72 -5.95
CA TYR A 752 8.14 -18.43 -5.88
C TYR A 752 7.90 -17.15 -5.07
N LEU A 753 6.67 -16.65 -5.11
CA LEU A 753 6.20 -15.62 -4.19
C LEU A 753 4.69 -15.70 -4.11
N VAL A 754 4.18 -15.87 -2.88
CA VAL A 754 2.75 -15.85 -2.62
C VAL A 754 2.46 -14.66 -1.72
N LEU A 755 1.57 -13.79 -2.16
CA LEU A 755 1.28 -12.54 -1.49
C LEU A 755 -0.21 -12.27 -1.59
N PRO A 756 -0.76 -11.42 -0.74
CA PRO A 756 -2.18 -11.06 -0.87
C PRO A 756 -2.43 -10.20 -2.10
N VAL A 757 -3.70 -10.18 -2.52
CA VAL A 757 -4.07 -9.40 -3.70
C VAL A 757 -3.84 -7.92 -3.45
N HIS A 758 -4.34 -7.40 -2.33
CA HIS A 758 -4.12 -6.03 -1.94
C HIS A 758 -4.10 -5.97 -0.42
N PRO A 759 -3.41 -4.99 0.17
CA PRO A 759 -3.30 -4.93 1.63
C PRO A 759 -4.65 -4.87 2.31
N GLU A 760 -4.62 -5.15 3.63
CA GLU A 760 -5.83 -5.17 4.42
C GLU A 760 -6.54 -3.82 4.39
N GLY A 761 -7.85 -3.87 4.18
CA GLY A 761 -8.67 -2.69 4.19
C GLY A 761 -9.31 -2.39 2.85
N ALA A 762 -10.11 -1.34 2.84
CA ALA A 762 -10.78 -0.93 1.63
C ALA A 762 -9.77 -0.36 0.64
N LEU A 763 -10.11 -0.42 -0.65
CA LEU A 763 -9.26 0.09 -1.71
C LEU A 763 -9.49 1.57 -1.99
N ASN A 764 -10.18 2.27 -1.08
CA ASN A 764 -10.39 3.70 -1.25
C ASN A 764 -9.65 4.48 -0.17
N VAL A 765 -8.61 3.89 0.41
CA VAL A 765 -7.78 4.57 1.39
C VAL A 765 -6.44 4.92 0.73
N PRO A 766 -6.03 6.19 0.74
CA PRO A 766 -4.87 6.59 -0.05
C PRO A 766 -3.59 5.84 0.30
N ASN A 767 -3.38 5.51 1.56
CA ASN A 767 -2.15 4.78 1.91
C ASN A 767 -2.18 3.36 1.38
N ILE A 768 -3.34 2.70 1.40
CA ILE A 768 -3.46 1.38 0.80
C ILE A 768 -3.23 1.45 -0.71
N MET A 769 -3.77 2.49 -1.34
CA MET A 769 -3.54 2.67 -2.77
C MET A 769 -2.06 2.92 -3.08
N HIS A 770 -1.38 3.68 -2.22
CA HIS A 770 0.04 3.91 -2.41
C HIS A 770 0.86 2.63 -2.20
N GLN A 771 0.43 1.78 -1.26
CA GLN A 771 1.08 0.48 -1.12
C GLN A 771 0.84 -0.41 -2.34
N VAL A 772 -0.34 -0.32 -2.96
CA VAL A 772 -0.54 -1.03 -4.23
C VAL A 772 0.38 -0.48 -5.31
N HIS A 773 0.51 0.84 -5.38
CA HIS A 773 1.43 1.48 -6.33
C HIS A 773 2.87 0.99 -6.12
N LEU A 774 3.34 0.99 -4.88
CA LEU A 774 4.70 0.58 -4.61
C LEU A 774 4.88 -0.92 -4.83
N THR A 775 3.84 -1.73 -4.53
CA THR A 775 3.90 -3.16 -4.79
C THR A 775 4.03 -3.44 -6.28
N GLN A 776 3.23 -2.75 -7.10
CA GLN A 776 3.29 -2.99 -8.53
C GLN A 776 4.60 -2.49 -9.13
N GLN A 777 5.10 -1.35 -8.63
CA GLN A 777 6.39 -0.84 -9.07
C GLN A 777 7.52 -1.79 -8.69
N SER A 778 7.48 -2.34 -7.48
CA SER A 778 8.51 -3.27 -7.05
C SER A 778 8.45 -4.57 -7.84
N LEU A 779 7.25 -5.13 -7.98
CA LEU A 779 7.10 -6.38 -8.71
C LEU A 779 7.51 -6.20 -10.17
N VAL A 780 6.74 -5.43 -10.93
CA VAL A 780 6.83 -5.41 -12.38
C VAL A 780 7.05 -4.01 -12.91
N PHE A 781 6.21 -3.05 -12.49
CA PHE A 781 6.09 -1.78 -13.21
C PHE A 781 7.42 -1.04 -13.27
N GLY A 782 8.17 -1.02 -12.17
CA GLY A 782 9.35 -0.18 -12.10
C GLY A 782 10.36 -0.51 -13.17
N GLU A 783 11.21 0.45 -13.49
CA GLU A 783 12.10 0.29 -14.64
C GLU A 783 13.20 -0.71 -14.36
N GLN A 784 13.71 -0.76 -13.14
CA GLN A 784 14.67 -1.78 -12.72
C GLN A 784 14.08 -2.73 -11.68
N SER A 785 12.89 -3.24 -11.96
CA SER A 785 12.17 -4.12 -11.05
C SER A 785 12.74 -5.52 -11.11
N LEU A 786 12.04 -6.45 -10.45
CA LEU A 786 12.42 -7.85 -10.49
C LEU A 786 12.31 -8.41 -11.91
N VAL A 787 11.16 -8.18 -12.54
CA VAL A 787 10.96 -8.68 -13.90
C VAL A 787 11.93 -8.00 -14.86
N LYS A 788 12.19 -6.71 -14.67
CA LYS A 788 13.09 -6.00 -15.58
C LYS A 788 14.51 -6.50 -15.43
N ARG A 789 14.96 -6.75 -14.20
CA ARG A 789 16.30 -7.26 -13.99
C ARG A 789 16.46 -8.65 -14.58
N ILE A 790 15.45 -9.51 -14.39
CA ILE A 790 15.51 -10.86 -14.95
C ILE A 790 15.54 -10.81 -16.47
N GLN A 791 14.69 -9.95 -17.06
CA GLN A 791 14.64 -9.83 -18.51
C GLN A 791 15.94 -9.29 -19.07
N ARG A 792 16.55 -8.31 -18.39
CA ARG A 792 17.82 -7.78 -18.85
C ARG A 792 18.90 -8.85 -18.83
N GLN A 793 18.97 -9.64 -17.76
CA GLN A 793 19.99 -10.68 -17.72
C GLN A 793 19.76 -11.75 -18.79
N MET A 794 18.50 -12.15 -19.02
CA MET A 794 18.24 -13.15 -20.03
C MET A 794 18.56 -12.64 -21.43
N ALA A 795 18.25 -11.37 -21.70
CA ALA A 795 18.61 -10.77 -22.98
C ALA A 795 20.12 -10.68 -23.15
N LEU A 796 20.83 -10.30 -22.09
CA LEU A 796 22.28 -10.23 -22.15
C LEU A 796 22.90 -11.60 -22.42
N LYS A 797 22.32 -12.65 -21.84
CA LYS A 797 22.80 -14.00 -22.11
C LYS A 797 22.53 -14.41 -23.55
N ALA A 798 21.28 -14.24 -24.01
CA ALA A 798 20.93 -14.65 -25.37
C ALA A 798 21.60 -13.79 -26.43
N LEU A 799 22.16 -12.63 -26.05
CA LEU A 799 22.87 -11.77 -26.97
C LEU A 799 24.37 -11.72 -26.67
N GLU A 800 24.93 -12.78 -26.10
CA GLU A 800 26.35 -12.82 -25.80
C GLU A 800 27.18 -13.43 -26.93
N GLY A 801 26.54 -13.89 -28.00
CA GLY A 801 27.25 -14.53 -29.10
C GLY A 801 28.09 -13.59 -29.93
N LYS A 802 27.44 -12.70 -30.68
CA LYS A 802 28.11 -11.76 -31.56
C LYS A 802 27.83 -10.36 -31.04
N SER A 803 28.62 -9.94 -30.06
CA SER A 803 28.43 -8.63 -29.45
C SER A 803 29.66 -8.24 -28.63
N ASP A 804 30.12 -7.00 -28.79
CA ASP A 804 31.23 -6.50 -28.01
C ASP A 804 30.81 -6.36 -26.54
N PRO A 805 31.77 -6.49 -25.61
CA PRO A 805 31.41 -6.45 -24.17
C PRO A 805 30.71 -5.16 -23.77
N ALA A 806 31.38 -4.02 -23.99
CA ALA A 806 30.79 -2.74 -23.60
C ALA A 806 29.62 -2.38 -24.49
N GLN A 807 29.67 -2.80 -25.77
CA GLN A 807 28.60 -2.45 -26.70
C GLN A 807 27.27 -3.09 -26.31
N ALA A 808 27.32 -4.35 -25.84
CA ALA A 808 26.10 -5.09 -25.58
C ALA A 808 25.21 -4.39 -24.56
N ARG A 809 25.81 -3.67 -23.60
CA ARG A 809 25.05 -2.93 -22.61
C ARG A 809 24.18 -1.85 -23.25
N GLU A 810 24.49 -1.46 -24.49
CA GLU A 810 23.61 -0.62 -25.28
C GLU A 810 22.86 -1.40 -26.35
N ILE A 811 23.38 -2.56 -26.76
CA ILE A 811 22.71 -3.34 -27.79
C ILE A 811 21.43 -3.96 -27.25
N ILE A 812 21.33 -4.13 -25.94
CA ILE A 812 20.14 -4.73 -25.35
C ILE A 812 19.07 -3.68 -25.08
N GLU A 813 19.27 -2.46 -25.58
CA GLU A 813 18.42 -1.35 -25.15
C GLU A 813 17.40 -0.89 -26.19
N ARG A 814 17.76 -0.80 -27.47
CA ARG A 814 16.81 -0.22 -28.42
C ARG A 814 15.62 -1.16 -28.66
N LYS A 815 14.69 -0.70 -29.49
CA LYS A 815 13.38 -1.33 -29.62
C LYS A 815 13.34 -2.28 -30.80
N ASP A 816 12.28 -3.09 -30.83
CA ASP A 816 11.98 -4.00 -31.91
C ASP A 816 10.85 -3.42 -32.76
N ALA A 817 10.32 -4.24 -33.67
CA ALA A 817 9.19 -3.82 -34.49
C ALA A 817 7.95 -3.52 -33.65
N ARG A 818 7.86 -4.08 -32.43
CA ARG A 818 6.75 -3.74 -31.55
C ARG A 818 6.95 -2.39 -30.88
N GLY A 819 8.14 -1.81 -30.97
CA GLY A 819 8.47 -0.55 -30.37
C GLY A 819 9.05 -0.66 -28.97
N ARG A 820 9.11 -1.85 -28.40
CA ARG A 820 9.55 -2.04 -27.03
C ARG A 820 10.98 -2.56 -27.00
N PRO A 821 11.73 -2.26 -25.95
CA PRO A 821 13.17 -2.56 -25.95
C PRO A 821 13.45 -4.06 -26.00
N VAL A 822 14.73 -4.37 -26.22
CA VAL A 822 15.14 -5.75 -26.53
C VAL A 822 14.82 -6.68 -25.36
N TYR A 823 15.24 -6.31 -24.15
CA TYR A 823 15.11 -7.20 -23.01
C TYR A 823 13.65 -7.50 -22.66
N GLU A 824 12.71 -6.68 -23.10
CA GLU A 824 11.30 -6.91 -22.88
C GLU A 824 10.75 -8.12 -23.64
N GLN A 825 11.52 -8.68 -24.57
CA GLN A 825 11.10 -9.86 -25.33
C GLN A 825 11.28 -11.16 -24.56
N GLN A 826 12.01 -11.14 -23.45
CA GLN A 826 12.35 -12.35 -22.72
C GLN A 826 11.20 -12.77 -21.79
N ASP A 827 11.18 -14.06 -21.47
CA ASP A 827 10.14 -14.65 -20.65
C ASP A 827 10.71 -15.01 -19.28
N TRP A 828 10.19 -14.37 -18.24
CA TRP A 828 10.69 -14.50 -16.89
C TRP A 828 10.09 -15.68 -16.12
N SER A 829 9.15 -16.41 -16.71
CA SER A 829 8.50 -17.51 -16.01
C SER A 829 9.44 -18.69 -15.78
N ARG A 830 10.73 -18.53 -16.12
CA ARG A 830 11.74 -19.52 -15.78
C ARG A 830 12.41 -19.23 -14.44
N TYR A 831 12.03 -18.15 -13.76
CA TYR A 831 12.61 -17.83 -12.47
C TYR A 831 11.60 -17.28 -11.46
N LEU A 832 10.32 -17.21 -11.78
CA LEU A 832 9.38 -16.47 -10.96
C LEU A 832 7.96 -16.96 -11.21
N THR A 833 7.23 -17.23 -10.12
CA THR A 833 5.81 -17.61 -10.16
C THR A 833 5.12 -16.81 -9.07
N LEU A 834 4.68 -15.60 -9.40
CA LEU A 834 3.99 -14.74 -8.47
C LEU A 834 2.51 -15.10 -8.44
N LEU A 835 1.98 -15.44 -7.26
CA LEU A 835 0.62 -15.96 -7.15
C LEU A 835 -0.09 -15.35 -5.96
N ASN A 836 -1.42 -15.45 -5.97
CA ASN A 836 -2.30 -14.96 -4.91
C ASN A 836 -3.28 -16.06 -4.52
N LEU A 837 -4.27 -15.71 -3.69
CA LEU A 837 -5.26 -16.66 -3.20
C LEU A 837 -6.65 -16.01 -3.18
N ARG A 838 -7.64 -16.78 -3.59
CA ARG A 838 -9.02 -16.31 -3.77
C ARG A 838 -9.96 -17.48 -3.55
N THR A 839 -11.23 -17.19 -3.29
CA THR A 839 -12.27 -18.22 -3.18
C THR A 839 -13.62 -17.63 -3.56
N TRP A 840 -14.67 -18.45 -3.43
CA TRP A 840 -16.03 -18.01 -3.67
C TRP A 840 -16.98 -18.95 -2.93
N ALA A 841 -18.23 -18.51 -2.78
CA ALA A 841 -19.23 -19.26 -2.03
C ALA A 841 -20.61 -18.74 -2.38
N VAL A 842 -21.62 -19.27 -1.70
CA VAL A 842 -22.98 -18.78 -1.78
C VAL A 842 -23.47 -18.58 -0.35
N LEU A 843 -23.79 -17.33 0.00
CA LEU A 843 -24.28 -16.99 1.33
C LEU A 843 -25.63 -16.29 1.19
N GLY A 844 -26.69 -16.92 1.67
CA GLY A 844 -27.99 -16.28 1.66
C GLY A 844 -28.62 -16.14 0.29
N GLY A 845 -28.21 -16.96 -0.67
CA GLY A 845 -28.80 -16.92 -1.99
C GLY A 845 -28.15 -15.99 -2.97
N ARG A 846 -26.93 -15.52 -2.70
CA ARG A 846 -26.21 -14.66 -3.62
C ARG A 846 -24.77 -15.16 -3.73
N VAL A 847 -24.19 -14.99 -4.92
CA VAL A 847 -22.82 -15.38 -5.14
C VAL A 847 -21.88 -14.33 -4.57
N VAL A 848 -20.93 -14.76 -3.75
CA VAL A 848 -19.96 -13.87 -3.14
C VAL A 848 -18.57 -14.40 -3.42
N THR A 849 -17.60 -13.49 -3.50
CA THR A 849 -16.19 -13.84 -3.63
C THR A 849 -15.40 -12.97 -2.67
N GLU A 850 -14.26 -13.50 -2.24
CA GLU A 850 -13.43 -12.81 -1.24
C GLU A 850 -12.02 -13.36 -1.33
N GLN A 851 -11.05 -12.49 -1.11
CA GLN A 851 -9.65 -12.89 -1.13
C GLN A 851 -9.29 -13.56 0.19
N ILE A 852 -8.22 -14.34 0.15
CA ILE A 852 -7.63 -14.96 1.32
C ILE A 852 -6.38 -14.15 1.65
N TYR A 853 -6.43 -13.38 2.73
CA TYR A 853 -5.26 -12.58 3.07
C TYR A 853 -4.11 -13.46 3.52
N VAL A 854 -3.06 -13.49 2.72
CA VAL A 854 -1.87 -14.26 3.02
C VAL A 854 -1.07 -13.43 4.01
N HIS A 855 -1.28 -13.67 5.30
CA HIS A 855 -0.60 -12.89 6.34
C HIS A 855 0.66 -13.55 6.87
N SER A 856 0.93 -14.79 6.46
CA SER A 856 2.10 -15.49 6.98
C SER A 856 3.39 -14.80 6.54
N LYS A 857 4.47 -15.09 7.27
CA LYS A 857 5.79 -14.63 6.86
C LYS A 857 6.76 -15.81 6.72
N LEU A 858 6.38 -16.88 6.04
CA LEU A 858 7.17 -18.09 5.99
C LEU A 858 8.16 -18.01 4.82
N LEU A 859 9.25 -18.76 4.92
CA LEU A 859 10.24 -18.84 3.85
C LEU A 859 10.97 -20.18 3.90
N ILE A 860 11.27 -20.76 2.74
CA ILE A 860 11.89 -22.07 2.64
C ILE A 860 13.19 -21.95 1.84
N ALA A 861 14.21 -22.73 2.22
CA ALA A 861 15.50 -22.73 1.55
C ALA A 861 15.97 -24.16 1.29
N ASP A 862 15.70 -24.66 0.08
CA ASP A 862 16.16 -25.97 -0.39
C ASP A 862 15.69 -27.12 0.50
N ASP A 863 14.48 -27.02 1.05
CA ASP A 863 13.90 -28.05 1.90
C ASP A 863 14.86 -28.45 3.02
N ARG A 864 15.69 -27.53 3.42
CA ARG A 864 16.60 -27.70 4.54
C ARG A 864 16.35 -26.67 5.63
N VAL A 865 15.82 -25.51 5.26
CA VAL A 865 15.51 -24.43 6.19
C VAL A 865 14.06 -24.00 5.95
N ALA A 866 13.35 -23.72 7.03
CA ALA A 866 11.99 -23.19 6.97
C ALA A 866 11.94 -21.94 7.84
N ILE A 867 12.29 -20.80 7.23
CA ILE A 867 12.27 -19.53 7.96
C ILE A 867 10.82 -19.23 8.37
N LEU A 868 10.69 -18.46 9.45
CA LEU A 868 9.40 -18.10 10.00
C LEU A 868 9.63 -16.97 11.00
N GLY A 869 8.63 -16.10 11.15
CA GLY A 869 8.80 -15.00 12.07
C GLY A 869 7.74 -13.91 12.02
N SER A 870 8.18 -12.64 12.01
CA SER A 870 7.26 -11.51 11.97
C SER A 870 7.85 -10.32 11.23
N ALA A 871 8.77 -10.54 10.30
CA ALA A 871 9.36 -9.48 9.51
C ALA A 871 8.71 -9.48 8.13
N ASN A 872 8.13 -8.34 7.74
CA ASN A 872 7.48 -8.21 6.45
C ASN A 872 8.54 -8.01 5.37
N ILE A 873 8.11 -7.67 4.15
CA ILE A 873 9.03 -7.21 3.13
C ILE A 873 8.91 -5.70 2.91
N ASN A 874 8.63 -4.93 3.95
CA ASN A 874 8.74 -3.49 3.87
C ASN A 874 9.92 -2.99 4.70
N ASP A 875 10.30 -1.73 4.43
CA ASP A 875 11.45 -1.13 5.12
C ASP A 875 11.22 -1.01 6.61
N ARG A 876 10.00 -0.65 7.02
CA ARG A 876 9.70 -0.42 8.43
C ARG A 876 10.05 -1.61 9.30
N SER A 877 9.99 -2.82 8.75
CA SER A 877 10.38 -4.02 9.48
C SER A 877 11.76 -4.54 9.12
N LEU A 878 12.24 -4.29 7.90
CA LEU A 878 13.48 -4.93 7.48
C LEU A 878 14.72 -4.10 7.78
N GLN A 879 14.59 -2.78 7.89
CA GLN A 879 15.79 -1.94 7.98
C GLN A 879 16.47 -2.09 9.34
N GLY A 880 15.69 -2.24 10.40
CA GLY A 880 16.21 -2.53 11.72
C GLY A 880 16.02 -1.44 12.74
N GLU A 881 16.14 -0.18 12.34
CA GLU A 881 16.08 0.94 13.28
C GLU A 881 14.65 1.38 13.58
N ARG A 882 13.65 0.78 12.94
CA ARG A 882 12.26 1.23 13.09
C ARG A 882 11.45 0.31 14.00
N ASP A 883 11.37 -0.98 13.69
CA ASP A 883 10.52 -1.92 14.42
C ASP A 883 11.32 -3.12 14.87
N SER A 884 10.84 -3.78 15.91
CA SER A 884 11.47 -4.97 16.46
C SER A 884 10.57 -6.19 16.25
N GLU A 885 11.20 -7.35 16.10
CA GLU A 885 10.47 -8.59 15.84
C GLU A 885 11.21 -9.78 16.42
N LEU A 886 10.61 -10.96 16.26
CA LEU A 886 11.21 -12.26 16.63
C LEU A 886 10.97 -13.24 15.49
N ALA A 887 11.98 -13.42 14.66
CA ALA A 887 11.96 -14.44 13.63
C ALA A 887 12.96 -15.54 13.98
N VAL A 888 12.64 -16.76 13.57
CA VAL A 888 13.51 -17.90 13.82
C VAL A 888 13.96 -18.50 12.50
N MET A 889 15.03 -19.28 12.60
CA MET A 889 15.77 -19.85 11.47
C MET A 889 16.05 -21.30 11.85
N VAL A 890 15.15 -22.20 11.50
CA VAL A 890 15.23 -23.58 11.96
C VAL A 890 16.07 -24.41 11.01
N ARG A 891 16.84 -25.33 11.56
CA ARG A 891 17.72 -26.20 10.77
C ARG A 891 17.51 -27.65 11.16
N ASP A 892 17.37 -28.51 10.15
CA ASP A 892 17.13 -29.92 10.37
C ASP A 892 18.42 -30.65 10.74
N SER A 893 18.25 -31.88 11.24
CA SER A 893 19.38 -32.72 11.59
C SER A 893 19.24 -34.18 11.16
N GLU A 894 18.24 -34.50 10.33
CA GLU A 894 18.10 -35.88 9.84
C GLU A 894 17.94 -35.87 8.32
N PRO A 895 18.61 -36.75 7.60
CA PRO A 895 18.54 -36.72 6.14
C PRO A 895 17.38 -37.53 5.59
N LEU A 896 16.90 -37.11 4.42
CA LEU A 896 15.81 -37.78 3.74
C LEU A 896 16.01 -37.65 2.23
N THR A 897 15.80 -38.75 1.52
CA THR A 897 15.91 -38.73 0.06
C THR A 897 14.66 -38.12 -0.56
N VAL A 898 14.85 -37.47 -1.70
CA VAL A 898 13.74 -36.86 -2.44
C VAL A 898 14.17 -36.69 -3.90
N ARG A 899 13.21 -36.90 -4.80
CA ARG A 899 13.43 -36.76 -6.24
C ARG A 899 12.86 -35.41 -6.66
N LEU A 900 13.60 -34.34 -6.33
CA LEU A 900 13.06 -32.99 -6.42
C LEU A 900 12.63 -32.65 -7.85
N ASP A 901 13.50 -32.88 -8.83
CA ASP A 901 13.22 -32.51 -10.20
C ASP A 901 12.75 -33.68 -11.07
N GLY A 902 12.52 -34.85 -10.47
CA GLY A 902 12.03 -35.99 -11.20
C GLY A 902 13.09 -36.86 -11.84
N LYS A 903 14.35 -36.45 -11.82
CA LYS A 903 15.42 -37.23 -12.41
C LYS A 903 16.59 -37.47 -11.47
N ASN A 904 16.97 -36.48 -10.66
CA ASN A 904 18.13 -36.57 -9.79
C ASN A 904 17.69 -36.58 -8.34
N ASP A 905 18.24 -37.51 -7.56
CA ASP A 905 17.90 -37.62 -6.15
C ASP A 905 18.47 -36.45 -5.36
N ALA A 906 17.79 -36.12 -4.26
CA ALA A 906 18.25 -35.06 -3.38
C ALA A 906 18.06 -35.48 -1.94
N ILE A 907 18.88 -34.90 -1.06
CA ILE A 907 18.87 -35.21 0.37
C ILE A 907 18.50 -33.95 1.13
N VAL A 908 17.29 -33.92 1.70
CA VAL A 908 16.74 -32.77 2.38
C VAL A 908 16.07 -33.22 3.67
N GLY A 909 15.38 -32.29 4.34
CA GLY A 909 14.64 -32.62 5.54
C GLY A 909 13.26 -33.17 5.25
N LYS A 910 12.66 -33.77 6.29
CA LYS A 910 11.34 -34.39 6.21
C LYS A 910 10.25 -33.49 6.80
N ALA A 911 10.53 -32.85 7.94
CA ALA A 911 9.58 -31.91 8.50
C ALA A 911 9.36 -30.72 7.56
N ILE A 912 10.43 -30.19 6.98
CA ILE A 912 10.30 -29.07 6.05
C ILE A 912 9.54 -29.50 4.80
N HIS A 913 9.85 -30.69 4.28
CA HIS A 913 9.14 -31.22 3.13
C HIS A 913 7.65 -31.37 3.41
N GLN A 914 7.31 -31.90 4.59
CA GLN A 914 5.91 -32.07 4.96
C GLN A 914 5.23 -30.72 5.16
N LEU A 915 5.93 -29.76 5.75
CA LEU A 915 5.35 -28.44 5.94
C LEU A 915 5.00 -27.79 4.61
N ARG A 916 5.94 -27.85 3.65
CA ARG A 916 5.65 -27.30 2.32
C ARG A 916 4.55 -28.09 1.62
N VAL A 917 4.54 -29.41 1.78
CA VAL A 917 3.51 -30.24 1.16
C VAL A 917 2.13 -29.89 1.71
N ASN A 918 2.02 -29.69 3.02
CA ASN A 918 0.73 -29.32 3.61
C ASN A 918 0.33 -27.91 3.23
N LEU A 919 1.30 -26.99 3.15
CA LEU A 919 0.99 -25.65 2.67
C LEU A 919 0.37 -25.70 1.29
N TRP A 920 1.03 -26.39 0.36
CA TRP A 920 0.46 -26.53 -0.98
C TRP A 920 -0.86 -27.29 -0.94
N LYS A 921 -0.96 -28.32 -0.11
CA LYS A 921 -2.13 -29.18 -0.08
C LYS A 921 -3.37 -28.37 0.29
N LYS A 922 -3.24 -27.48 1.27
CA LYS A 922 -4.31 -26.53 1.55
C LYS A 922 -4.47 -25.52 0.42
N HIS A 923 -3.37 -25.01 -0.11
CA HIS A 923 -3.43 -23.97 -1.13
C HIS A 923 -4.21 -24.42 -2.36
N PHE A 924 -4.25 -25.71 -2.63
CA PHE A 924 -4.93 -26.21 -3.81
C PHE A 924 -6.35 -26.69 -3.52
N GLY A 925 -6.83 -26.54 -2.29
CA GLY A 925 -8.14 -27.01 -1.92
C GLY A 925 -8.24 -28.49 -1.63
N LEU A 926 -7.11 -29.20 -1.55
CA LEU A 926 -7.15 -30.65 -1.45
C LEU A 926 -7.39 -31.12 -0.02
N SER A 927 -6.90 -30.36 0.96
CA SER A 927 -7.01 -30.75 2.37
C SER A 927 -8.34 -30.38 3.00
N GLN A 928 -9.15 -29.57 2.35
CA GLN A 928 -10.38 -29.11 2.99
C GLN A 928 -11.39 -30.24 3.09
N GLY A 929 -12.36 -30.05 3.98
CA GLY A 929 -13.39 -31.04 4.22
C GLY A 929 -14.44 -31.08 3.13
N PRO A 930 -15.34 -32.06 3.21
CA PRO A 930 -16.37 -32.20 2.18
C PRO A 930 -17.45 -31.13 2.33
N GLY A 931 -18.14 -30.88 1.22
CA GLY A 931 -19.21 -29.92 1.18
C GLY A 931 -18.81 -28.51 0.82
N GLY A 932 -17.51 -28.25 0.62
CA GLY A 932 -17.09 -26.90 0.29
C GLY A 932 -17.52 -26.48 -1.10
N PHE A 933 -17.40 -25.18 -1.38
CA PHE A 933 -17.78 -24.67 -2.69
C PHE A 933 -16.64 -24.77 -3.71
N VAL A 934 -15.43 -25.04 -3.24
CA VAL A 934 -14.27 -25.12 -4.13
C VAL A 934 -13.81 -26.56 -4.21
N LYS A 935 -13.76 -27.09 -5.44
CA LYS A 935 -13.33 -28.46 -5.65
C LYS A 935 -11.82 -28.58 -5.51
N PRO A 936 -11.33 -29.75 -5.14
CA PRO A 936 -9.88 -29.95 -5.02
C PRO A 936 -9.18 -29.91 -6.36
N ALA A 937 -7.90 -29.54 -6.32
CA ALA A 937 -7.02 -29.57 -7.48
C ALA A 937 -6.19 -30.85 -7.39
N SER A 938 -6.84 -31.98 -7.68
CA SER A 938 -6.21 -33.28 -7.45
C SER A 938 -5.08 -33.55 -8.44
N GLU A 939 -5.14 -32.95 -9.63
CA GLU A 939 -4.13 -33.23 -10.64
C GLU A 939 -2.75 -32.69 -10.26
N LEU A 940 -2.68 -31.85 -9.22
CA LEU A 940 -1.41 -31.34 -8.72
C LEU A 940 -0.86 -32.15 -7.56
N SER A 941 -1.58 -33.19 -7.12
CA SER A 941 -1.07 -34.04 -6.05
C SER A 941 0.22 -34.72 -6.46
N ALA A 942 0.38 -34.97 -7.76
CA ALA A 942 1.63 -35.52 -8.26
C ALA A 942 2.73 -34.46 -8.27
N TYR A 943 2.38 -33.23 -8.66
CA TYR A 943 3.38 -32.20 -8.88
C TYR A 943 3.78 -31.47 -7.61
N LEU A 944 3.07 -31.68 -6.49
CA LEU A 944 3.34 -30.87 -5.30
C LEU A 944 4.75 -31.09 -4.78
N SER A 945 5.27 -32.31 -4.89
CA SER A 945 6.56 -32.65 -4.31
C SER A 945 7.73 -32.37 -5.25
N ILE A 946 7.49 -31.80 -6.43
CA ILE A 946 8.57 -31.50 -7.34
C ILE A 946 8.68 -29.98 -7.51
N PRO A 947 9.55 -29.31 -6.76
CA PRO A 947 9.68 -27.86 -6.89
C PRO A 947 10.72 -27.45 -7.91
N ALA A 948 11.50 -28.41 -8.42
CA ALA A 948 12.54 -28.11 -9.38
C ALA A 948 12.20 -28.55 -10.81
N ALA A 949 11.29 -29.50 -10.98
CA ALA A 949 10.86 -29.90 -12.31
C ALA A 949 9.99 -28.81 -12.91
N GLN A 950 10.19 -28.51 -14.20
CA GLN A 950 9.45 -27.43 -14.82
C GLN A 950 7.97 -27.73 -14.91
N GLU A 951 7.61 -28.96 -15.29
CA GLU A 951 6.21 -29.29 -15.52
C GLU A 951 5.34 -28.96 -14.32
N ALA A 952 5.91 -29.01 -13.12
CA ALA A 952 5.16 -28.64 -11.93
C ALA A 952 4.71 -27.18 -12.00
N TRP A 953 5.66 -26.26 -12.23
CA TRP A 953 5.24 -24.86 -12.23
C TRP A 953 4.43 -24.52 -13.48
N GLU A 954 4.68 -25.18 -14.61
CA GLU A 954 3.78 -24.97 -15.75
C GLU A 954 2.35 -25.40 -15.42
N ALA A 955 2.17 -26.55 -14.76
CA ALA A 955 0.83 -27.01 -14.42
C ALA A 955 0.14 -26.05 -13.46
N ILE A 956 0.86 -25.62 -12.42
CA ILE A 956 0.23 -24.72 -11.45
C ILE A 956 -0.07 -23.37 -12.08
N GLN A 957 0.79 -22.89 -12.99
CA GLN A 957 0.53 -21.61 -13.64
C GLN A 957 -0.70 -21.71 -14.55
N THR A 958 -0.85 -22.81 -15.27
CA THR A 958 -2.03 -22.97 -16.11
C THR A 958 -3.31 -23.03 -15.26
N LEU A 959 -3.25 -23.73 -14.13
CA LEU A 959 -4.41 -23.76 -13.23
C LEU A 959 -4.74 -22.36 -12.72
N ALA A 960 -3.70 -21.60 -12.34
CA ALA A 960 -3.92 -20.24 -11.87
C ALA A 960 -4.62 -19.40 -12.93
N LYS A 961 -4.17 -19.51 -14.19
CA LYS A 961 -4.78 -18.75 -15.26
C LYS A 961 -6.23 -19.17 -15.51
N GLU A 962 -6.51 -20.47 -15.41
CA GLU A 962 -7.90 -20.93 -15.60
C GLU A 962 -8.81 -20.38 -14.51
N ASN A 963 -8.35 -20.42 -13.25
CA ASN A 963 -9.14 -19.86 -12.16
C ASN A 963 -9.41 -18.39 -12.39
N THR A 964 -8.37 -17.66 -12.79
CA THR A 964 -8.52 -16.24 -13.04
C THR A 964 -9.53 -15.97 -14.14
N ARG A 965 -9.48 -16.75 -15.23
CA ARG A 965 -10.41 -16.52 -16.33
C ARG A 965 -11.85 -16.79 -15.91
N ALA A 966 -12.09 -17.84 -15.11
CA ALA A 966 -13.45 -18.10 -14.63
C ALA A 966 -13.95 -16.97 -13.76
N TYR A 967 -13.11 -16.49 -12.84
CA TYR A 967 -13.49 -15.37 -12.00
C TYR A 967 -13.78 -14.13 -12.84
N GLU A 968 -12.98 -13.89 -13.88
CA GLU A 968 -13.23 -12.74 -14.75
C GLU A 968 -14.55 -12.89 -15.51
N ARG A 969 -14.86 -14.11 -15.97
CA ARG A 969 -16.13 -14.32 -16.67
C ARG A 969 -17.31 -13.99 -15.77
N THR A 970 -17.21 -14.34 -14.49
CA THR A 970 -18.35 -14.08 -13.60
C THR A 970 -18.39 -12.63 -13.14
N PHE A 971 -17.33 -12.15 -12.49
CA PHE A 971 -17.30 -10.84 -11.85
C PHE A 971 -16.53 -9.83 -12.69
N ASN A 972 -16.68 -8.55 -12.34
CA ASN A 972 -15.87 -7.49 -12.93
C ASN A 972 -15.34 -6.49 -11.91
N PHE A 973 -15.86 -6.46 -10.68
CA PHE A 973 -15.37 -5.56 -9.65
C PHE A 973 -14.06 -6.03 -9.03
N ILE A 974 -13.76 -7.32 -9.13
CA ILE A 974 -12.54 -7.88 -8.56
C ILE A 974 -11.38 -7.30 -9.38
N PRO A 975 -10.16 -7.25 -8.85
CA PRO A 975 -9.06 -6.73 -9.67
C PRO A 975 -8.72 -7.66 -10.82
N GLN A 976 -8.81 -7.13 -12.04
CA GLN A 976 -8.24 -7.80 -13.20
C GLN A 976 -7.51 -6.75 -14.03
N ASN A 977 -6.94 -7.20 -15.14
CA ASN A 977 -6.13 -6.33 -15.98
C ASN A 977 -7.00 -5.39 -16.82
N ILE A 978 -7.82 -5.95 -17.70
CA ILE A 978 -8.56 -5.16 -18.68
C ILE A 978 -9.92 -4.80 -18.07
N SER A 979 -10.26 -3.52 -18.10
CA SER A 979 -11.53 -3.08 -17.53
C SER A 979 -12.70 -3.55 -18.39
N GLN A 980 -13.76 -4.03 -17.73
CA GLN A 980 -14.95 -4.56 -18.44
C GLN A 980 -16.09 -3.53 -18.41
N THR A 981 -15.91 -2.43 -17.70
CA THR A 981 -16.95 -1.37 -17.60
C THR A 981 -16.82 -0.37 -18.75
N GLN A 982 -15.77 -0.52 -19.58
CA GLN A 982 -15.52 0.37 -20.74
C GLN A 982 -16.67 0.24 -21.74
N LEU A 983 -17.20 -0.98 -21.92
CA LEU A 983 -18.31 -1.28 -22.87
C LEU A 983 -19.55 -0.46 -22.50
N GLN A 984 -19.83 -0.30 -21.20
CA GLN A 984 -21.02 0.47 -20.74
C GLN A 984 -20.68 1.96 -20.79
N LEU A 985 -20.71 2.53 -21.99
CA LEU A 985 -20.39 3.97 -22.23
C LEU A 985 -21.09 4.45 -23.51
N THR A 986 -20.98 5.75 -23.80
CA THR A 986 -21.60 6.40 -24.98
C THR A 986 -21.06 5.80 -26.30
N PRO A 987 -19.75 5.52 -26.44
CA PRO A 987 -19.22 4.95 -27.69
C PRO A 987 -19.89 3.61 -28.05
N GLU A 988 -20.14 3.41 -29.35
CA GLU A 988 -20.83 2.20 -29.88
C GLU A 988 -19.80 1.19 -30.42
N PRO A 989 -19.97 -0.12 -30.16
CA PRO A 989 -19.05 -1.17 -30.61
C PRO A 989 -18.94 -1.33 -32.14
N PRO A 990 -20.05 -1.23 -32.92
CA PRO A 990 -20.02 -1.39 -34.39
C PRO A 990 -19.15 -0.39 -35.15
N LYS A 991 -18.92 0.81 -34.58
CA LYS A 991 -18.10 1.86 -35.24
C LYS A 991 -16.69 1.33 -35.49
N GLY A 992 -16.12 0.59 -34.54
CA GLY A 992 -14.76 0.03 -34.67
C GLY A 992 -13.89 0.42 -33.48
N PHE A 993 -14.48 0.38 -32.29
CA PHE A 993 -13.74 0.75 -31.05
C PHE A 993 -13.30 -0.48 -30.26
N GLU A 994 -12.06 -0.91 -30.50
CA GLU A 994 -11.42 -2.01 -29.79
C GLU A 994 -10.08 -1.50 -29.28
N ASP A 995 -10.07 -0.99 -28.05
CA ASP A 995 -8.85 -0.48 -27.44
C ASP A 995 -8.38 -1.36 -26.28
N GLY A 996 -9.28 -1.67 -25.35
CA GLY A 996 -8.94 -2.53 -24.23
C GLY A 996 -8.02 -1.88 -23.22
N PHE A 997 -8.54 -0.92 -22.48
CA PHE A 997 -7.72 -0.17 -21.54
C PHE A 997 -7.48 -0.98 -20.27
N PRO A 998 -6.29 -0.88 -19.66
CA PRO A 998 -6.05 -1.56 -18.38
C PRO A 998 -6.98 -1.04 -17.28
N ALA A 999 -7.37 -1.93 -16.39
CA ALA A 999 -8.28 -1.57 -15.31
C ALA A 999 -7.58 -0.68 -14.30
N SER A 1000 -8.34 0.22 -13.69
CA SER A 1000 -7.77 1.15 -12.72
C SER A 1000 -7.67 0.47 -11.36
N ILE A 1001 -7.32 1.25 -10.34
CA ILE A 1001 -7.25 0.69 -8.99
C ILE A 1001 -8.63 0.35 -8.48
N TRP A 1002 -9.67 0.97 -9.05
CA TRP A 1002 -11.05 0.57 -8.84
C TRP A 1002 -11.58 0.06 -10.18
N PRO A 1003 -11.57 -1.25 -10.42
CA PRO A 1003 -11.69 -1.74 -11.81
C PRO A 1003 -12.97 -1.33 -12.52
N THR A 1004 -14.00 -0.89 -11.81
CA THR A 1004 -15.19 -0.39 -12.48
C THR A 1004 -15.02 1.06 -12.95
N TRP A 1005 -13.96 1.74 -12.55
CA TRP A 1005 -13.70 3.09 -13.05
C TRP A 1005 -13.37 3.04 -14.53
N ALA A 1006 -14.03 3.88 -15.31
CA ALA A 1006 -13.88 3.91 -16.76
C ALA A 1006 -13.21 5.22 -17.17
N TYR A 1007 -12.27 5.11 -18.10
CA TYR A 1007 -11.51 6.25 -18.60
C TYR A 1007 -11.99 6.60 -20.01
N ARG A 1008 -12.35 7.86 -20.21
CA ARG A 1008 -12.62 8.32 -21.57
C ARG A 1008 -11.33 8.48 -22.36
N LYS A 1009 -10.27 8.94 -21.71
CA LYS A 1009 -8.94 9.04 -22.31
C LYS A 1009 -7.89 8.95 -21.20
N PRO A 1010 -7.23 7.80 -21.05
CA PRO A 1010 -6.30 7.63 -19.92
C PRO A 1010 -5.08 8.53 -19.95
N GLY A 1011 -4.69 9.05 -21.12
CA GLY A 1011 -3.44 9.77 -21.22
C GLY A 1011 -3.42 11.05 -20.39
N GLU A 1012 -4.51 11.81 -20.44
CA GLU A 1012 -4.61 13.07 -19.71
C GLU A 1012 -5.70 12.97 -18.66
N LEU A 1013 -6.00 14.09 -18.01
CA LEU A 1013 -7.08 14.17 -17.04
C LEU A 1013 -8.13 15.20 -17.43
N ARG A 1014 -7.99 15.84 -18.59
CA ARG A 1014 -9.01 16.79 -19.03
C ARG A 1014 -10.31 16.07 -19.38
N ALA A 1015 -10.22 14.78 -19.70
CA ALA A 1015 -11.40 14.00 -20.03
C ALA A 1015 -12.11 13.50 -18.78
N GLY A 1016 -11.45 12.65 -18.00
CA GLY A 1016 -12.01 12.14 -16.77
C GLY A 1016 -12.96 10.97 -16.99
N GLY A 1017 -13.36 10.39 -15.87
CA GLY A 1017 -14.28 9.28 -15.88
C GLY A 1017 -14.92 9.13 -14.51
N GLN A 1018 -15.59 8.00 -14.32
CA GLN A 1018 -16.21 7.68 -13.03
C GLN A 1018 -16.39 6.16 -12.97
N LEU A 1019 -16.96 5.70 -11.86
CA LEU A 1019 -17.37 4.30 -11.75
C LEU A 1019 -18.66 4.04 -12.50
N MET A 1020 -18.75 2.86 -13.10
CA MET A 1020 -19.96 2.43 -13.80
C MET A 1020 -20.77 1.40 -13.03
N GLU A 1021 -20.14 0.64 -12.15
CA GLU A 1021 -20.81 -0.34 -11.32
C GLU A 1021 -20.23 -0.29 -9.91
N PRO A 1022 -21.01 -0.66 -8.90
CA PRO A 1022 -20.56 -0.51 -7.51
C PRO A 1022 -19.32 -1.35 -7.21
N MET A 1023 -18.50 -0.84 -6.29
CA MET A 1023 -17.38 -1.53 -5.70
C MET A 1023 -17.78 -2.19 -4.39
N PRO A 1024 -17.11 -3.27 -4.00
CA PRO A 1024 -17.54 -4.00 -2.79
C PRO A 1024 -17.50 -3.18 -1.52
N TYR A 1025 -16.65 -2.17 -1.44
CA TYR A 1025 -16.57 -1.37 -0.22
C TYR A 1025 -17.70 -0.37 -0.09
N GLN A 1026 -18.51 -0.19 -1.14
CA GLN A 1026 -19.64 0.72 -1.08
C GLN A 1026 -20.82 0.05 -0.39
N GLU A 1027 -21.82 0.84 -0.01
CA GLU A 1027 -23.01 0.35 0.66
C GLU A 1027 -24.10 -0.07 -0.31
N ILE A 1028 -24.21 0.60 -1.46
CA ILE A 1028 -25.15 0.20 -2.50
C ILE A 1028 -24.80 -1.14 -3.12
N PHE A 1029 -23.57 -1.62 -2.92
CA PHE A 1029 -23.19 -2.95 -3.38
C PHE A 1029 -24.02 -4.03 -2.69
N TRP A 1030 -24.11 -3.95 -1.37
CA TRP A 1030 -24.70 -5.02 -0.56
C TRP A 1030 -26.13 -4.72 -0.13
N ARG A 1031 -26.47 -3.46 0.13
CA ARG A 1031 -27.80 -3.12 0.62
C ARG A 1031 -28.75 -2.89 -0.54
N SER A 1032 -29.85 -3.66 -0.58
CA SER A 1032 -30.84 -3.51 -1.61
C SER A 1032 -31.69 -2.27 -1.37
N SER A 1033 -31.16 -1.09 -1.75
CA SER A 1033 -31.90 0.19 -1.54
C SER A 1033 -33.18 0.15 -2.36
N ASN A 1034 -34.31 0.66 -1.87
CA ASN A 1034 -35.64 0.60 -2.47
C ASN A 1034 -35.68 1.37 -3.79
N LEU A 1035 -34.99 2.51 -3.86
CA LEU A 1035 -35.04 3.35 -5.04
C LEU A 1035 -34.24 2.78 -6.21
N THR A 1036 -33.41 1.77 -5.94
CA THR A 1036 -32.58 1.13 -6.97
C THR A 1036 -32.74 -0.39 -6.90
N SER A 1037 -32.14 -1.10 -7.85
CA SER A 1037 -32.21 -2.56 -7.91
C SER A 1037 -30.81 -3.13 -7.76
N VAL A 1038 -30.67 -4.12 -6.88
CA VAL A 1038 -29.38 -4.71 -6.56
C VAL A 1038 -28.98 -5.63 -7.69
N LYS A 1039 -27.66 -5.80 -7.87
CA LYS A 1039 -27.11 -6.61 -8.95
C LYS A 1039 -26.62 -7.95 -8.41
N THR A 1040 -27.05 -9.03 -9.04
CA THR A 1040 -26.57 -10.36 -8.73
C THR A 1040 -25.85 -10.95 -9.94
N PHE A 1041 -25.07 -11.99 -9.69
CA PHE A 1041 -24.21 -12.56 -10.70
C PHE A 1041 -24.46 -14.06 -10.81
N PRO A 1042 -24.40 -14.61 -12.02
CA PRO A 1042 -24.53 -16.06 -12.17
C PRO A 1042 -23.37 -16.76 -11.50
N PRO A 1043 -23.58 -17.97 -10.98
CA PRO A 1043 -22.51 -18.66 -10.26
C PRO A 1043 -21.35 -18.95 -11.18
N PRO A 1044 -20.13 -18.92 -10.65
CA PRO A 1044 -18.97 -19.27 -11.46
C PRO A 1044 -18.88 -20.78 -11.64
N ASN A 1045 -18.07 -21.18 -12.61
CA ASN A 1045 -17.90 -22.61 -12.88
C ASN A 1045 -16.50 -22.89 -13.38
N GLY A 1046 -16.05 -24.12 -13.15
CA GLY A 1046 -14.72 -24.54 -13.50
C GLY A 1046 -13.64 -24.16 -12.51
N VAL A 1047 -13.98 -23.69 -11.33
CA VAL A 1047 -13.00 -23.18 -10.38
C VAL A 1047 -12.56 -24.28 -9.43
N SER A 1048 -11.27 -24.60 -9.48
CA SER A 1048 -10.66 -25.58 -8.59
C SER A 1048 -9.49 -24.91 -7.87
N GLY A 1049 -9.38 -25.18 -6.58
CA GLY A 1049 -8.30 -24.62 -5.79
C GLY A 1049 -8.59 -23.18 -5.38
N PHE A 1050 -7.63 -22.59 -4.67
CA PHE A 1050 -7.74 -21.22 -4.20
C PHE A 1050 -6.78 -20.27 -4.89
N ILE A 1051 -5.73 -20.78 -5.54
CA ILE A 1051 -4.71 -19.96 -6.17
C ILE A 1051 -5.20 -19.45 -7.51
N THR A 1052 -4.93 -18.17 -7.78
CA THR A 1052 -5.28 -17.50 -9.02
C THR A 1052 -4.07 -16.70 -9.49
N ALA A 1053 -4.13 -16.26 -10.75
CA ALA A 1053 -3.03 -15.51 -11.31
C ALA A 1053 -2.93 -14.14 -10.66
N LEU A 1054 -1.72 -13.58 -10.69
CA LEU A 1054 -1.45 -12.26 -10.14
C LEU A 1054 -1.60 -11.22 -11.24
N PRO A 1055 -2.46 -10.20 -11.07
CA PRO A 1055 -2.69 -9.24 -12.16
C PRO A 1055 -1.60 -8.18 -12.29
N THR A 1056 -0.76 -8.28 -13.32
CA THR A 1056 0.34 -7.35 -13.50
C THR A 1056 0.04 -6.25 -14.51
N SER A 1057 -1.19 -6.17 -15.00
CA SER A 1057 -1.66 -5.01 -15.75
C SER A 1057 -2.68 -4.19 -14.97
N TRP A 1058 -2.81 -4.45 -13.67
CA TRP A 1058 -3.69 -3.64 -12.83
C TRP A 1058 -3.04 -2.29 -12.59
N THR A 1059 -3.82 -1.22 -12.79
CA THR A 1059 -3.34 0.16 -12.59
C THR A 1059 -2.14 0.48 -13.48
N ARG A 1060 -2.24 0.17 -14.76
CA ARG A 1060 -1.11 0.41 -15.65
C ARG A 1060 -1.15 1.84 -16.18
N GLY A 1061 -0.05 2.56 -16.03
CA GLY A 1061 0.00 3.96 -16.43
C GLY A 1061 -0.92 4.85 -15.61
N GLU A 1062 -1.10 4.51 -14.34
CA GLU A 1062 -2.03 5.22 -13.46
C GLU A 1062 -1.24 5.65 -12.23
N ARG A 1063 -1.36 6.92 -11.86
CA ARG A 1063 -0.49 7.52 -10.86
C ARG A 1063 -1.18 7.56 -9.51
N ASN A 1064 -0.88 6.60 -8.64
CA ASN A 1064 -1.48 6.49 -7.32
C ASN A 1064 -0.39 6.77 -6.29
N ASP A 1065 -0.15 8.05 -5.99
CA ASP A 1065 0.74 8.44 -4.91
C ASP A 1065 0.00 9.42 -4.01
N SER A 1066 -0.03 9.14 -2.71
CA SER A 1066 -0.77 9.95 -1.77
C SER A 1066 0.00 11.19 -1.32
N GLY A 1067 1.30 11.26 -1.61
CA GLY A 1067 2.10 12.38 -1.16
C GLY A 1067 2.45 12.34 0.30
N LEU A 1068 2.21 11.23 0.98
CA LEU A 1068 2.50 11.08 2.39
C LEU A 1068 3.88 10.47 2.56
N ASN A 1069 4.32 10.34 3.82
CA ASN A 1069 5.66 9.86 4.10
C ASN A 1069 5.80 8.39 3.73
N LEU A 1070 6.94 8.05 3.12
CA LEU A 1070 7.21 6.66 2.78
C LEU A 1070 7.33 5.82 4.04
N SER A 1071 7.80 6.42 5.14
CA SER A 1071 7.92 5.74 6.41
C SER A 1071 6.58 5.54 7.12
N ILE A 1072 5.66 6.49 7.00
CA ILE A 1072 4.36 6.38 7.66
C ILE A 1072 3.27 6.12 6.63
N TYR B 26 12.19 40.26 -29.55
CA TYR B 26 12.08 39.58 -28.26
C TYR B 26 10.62 39.48 -27.83
N GLN B 27 9.80 38.79 -28.62
CA GLN B 27 8.40 38.59 -28.29
C GLN B 27 7.97 37.20 -28.74
N GLU B 28 6.96 36.68 -28.05
CA GLU B 28 6.44 35.34 -28.35
C GLU B 28 4.94 35.32 -28.14
N CYS B 29 4.29 34.34 -28.79
CA CYS B 29 2.81 34.18 -28.68
C CYS B 29 2.47 32.75 -28.29
N LEU B 30 1.55 32.61 -27.33
CA LEU B 30 0.98 31.32 -26.95
C LEU B 30 -0.54 31.39 -27.11
N GLY B 31 -1.11 30.39 -27.76
CA GLY B 31 -2.53 30.40 -28.04
C GLY B 31 -2.88 31.46 -29.06
N ARG B 32 -3.65 32.47 -28.65
CA ARG B 32 -3.98 33.59 -29.52
C ARG B 32 -3.44 34.92 -28.98
N MET B 33 -2.64 34.86 -27.92
CA MET B 33 -2.12 36.10 -27.28
C MET B 33 -0.60 36.21 -27.45
N THR B 34 -0.11 37.46 -27.55
CA THR B 34 1.32 37.74 -27.70
C THR B 34 1.81 38.51 -26.49
N PHE B 35 3.12 38.45 -26.26
CA PHE B 35 3.71 39.13 -25.11
C PHE B 35 5.17 39.43 -25.40
N GLU B 36 5.72 40.33 -24.59
CA GLU B 36 7.12 40.72 -24.71
C GLU B 36 7.94 40.12 -23.56
N ILE B 37 9.07 39.52 -23.93
CA ILE B 37 9.91 38.81 -22.99
C ILE B 37 11.10 39.68 -22.60
N PRO B 38 11.43 39.80 -21.31
CA PRO B 38 12.52 40.71 -20.92
C PRO B 38 13.90 40.21 -21.28
N GLU B 39 14.18 38.93 -21.08
CA GLU B 39 15.49 38.37 -21.42
C GLU B 39 15.28 37.00 -22.05
N GLU B 40 16.35 36.22 -22.14
CA GLU B 40 16.31 34.95 -22.85
C GLU B 40 15.29 33.99 -22.24
N MET B 41 14.63 33.21 -23.10
CA MET B 41 13.59 32.30 -22.56
C MET B 41 13.56 31.01 -23.35
N GLU B 42 12.89 30.00 -22.78
CA GLU B 42 12.74 28.68 -23.38
C GLU B 42 11.34 28.15 -23.09
N TRP B 43 10.75 27.49 -24.09
CA TRP B 43 9.45 26.84 -23.95
C TRP B 43 9.62 25.39 -23.48
N ALA B 44 8.49 24.79 -23.11
CA ALA B 44 8.44 23.39 -22.68
C ALA B 44 7.87 22.55 -23.80
N THR B 45 8.61 21.52 -24.22
CA THR B 45 8.24 20.60 -25.27
C THR B 45 8.32 19.17 -24.75
N TYR B 46 7.80 18.23 -25.54
CA TYR B 46 7.71 16.85 -25.08
C TYR B 46 9.11 16.24 -24.92
N ASP B 47 9.20 15.27 -24.03
CA ASP B 47 10.49 14.65 -23.72
C ASP B 47 10.98 13.81 -24.89
N ALA B 48 12.23 14.03 -25.28
CA ALA B 48 12.83 13.26 -26.36
C ALA B 48 12.95 11.78 -25.99
N SER B 49 13.27 11.50 -24.73
CA SER B 49 13.35 10.11 -24.28
C SER B 49 11.98 9.46 -24.18
N ARG B 50 10.91 10.24 -24.26
CA ARG B 50 9.55 9.73 -24.16
C ARG B 50 8.76 9.88 -25.46
N VAL B 51 9.38 10.37 -26.52
CA VAL B 51 8.64 10.68 -27.75
C VAL B 51 7.91 9.46 -28.28
N TRP B 52 8.54 8.28 -28.23
CA TRP B 52 7.98 7.13 -28.92
C TRP B 52 6.65 6.69 -28.32
N GLN B 53 6.45 6.90 -27.02
CA GLN B 53 5.20 6.53 -26.36
C GLN B 53 4.31 7.76 -26.15
N ILE B 54 3.92 8.37 -27.28
CA ILE B 54 3.16 9.61 -27.28
C ILE B 54 1.66 9.39 -27.38
N SER B 55 1.23 8.15 -27.69
CA SER B 55 -0.20 7.85 -27.64
C SER B 55 -0.74 8.00 -26.24
N LYS B 56 0.07 7.66 -25.24
CA LYS B 56 -0.19 7.99 -23.83
C LYS B 56 0.50 9.31 -23.50
N GLY B 57 -0.11 10.39 -23.97
CA GLY B 57 0.47 11.71 -23.79
C GLY B 57 0.11 12.35 -22.47
N GLY B 58 1.13 12.77 -21.72
CA GLY B 58 0.92 13.54 -20.52
C GLY B 58 1.09 15.02 -20.75
N GLY B 59 2.15 15.38 -21.46
CA GLY B 59 2.38 16.77 -21.81
C GLY B 59 3.86 17.06 -21.90
N HIS B 60 4.14 18.30 -22.32
CA HIS B 60 5.51 18.77 -22.43
C HIS B 60 6.13 18.92 -21.04
N ASN B 61 7.46 18.90 -21.00
CA ASN B 61 8.16 19.06 -19.72
C ASN B 61 9.48 19.78 -19.95
N PHE B 62 10.00 20.40 -18.88
CA PHE B 62 11.34 20.96 -18.90
C PHE B 62 12.38 19.85 -18.82
N THR B 63 12.42 19.15 -17.71
CA THR B 63 13.20 17.92 -17.55
C THR B 63 12.31 16.93 -16.81
N ALA B 64 12.91 15.86 -16.29
CA ALA B 64 12.12 14.80 -15.67
C ALA B 64 11.38 15.28 -14.42
N GLU B 65 12.01 16.17 -13.65
CA GLU B 65 11.50 16.53 -12.32
C GLU B 65 11.04 17.97 -12.20
N VAL B 66 11.46 18.87 -13.09
CA VAL B 66 11.11 20.28 -12.97
C VAL B 66 9.98 20.60 -13.94
N THR B 67 9.13 19.62 -14.20
CA THR B 67 7.98 19.78 -15.08
C THR B 67 6.78 20.37 -14.33
N ALA B 68 5.71 20.60 -15.08
CA ALA B 68 4.37 20.84 -14.59
C ALA B 68 3.48 19.70 -15.04
N VAL B 69 2.18 19.81 -14.80
CA VAL B 69 1.23 18.75 -15.13
C VAL B 69 0.32 19.23 -16.24
N GLY B 70 0.42 18.59 -17.40
CA GLY B 70 -0.52 18.82 -18.49
C GLY B 70 -0.26 20.01 -19.40
N ASP B 71 0.83 19.98 -20.16
CA ASP B 71 1.15 21.01 -21.15
C ASP B 71 0.81 20.46 -22.53
N ASN B 72 -0.41 20.72 -22.99
CA ASN B 72 -0.81 20.36 -24.33
C ASN B 72 -1.97 21.24 -24.77
N GLY B 73 -2.25 21.23 -26.06
CA GLY B 73 -3.25 22.11 -26.65
C GLY B 73 -4.46 21.34 -27.16
N SER B 74 -5.60 22.02 -27.19
CA SER B 74 -6.85 21.48 -27.69
C SER B 74 -7.43 22.39 -28.76
N TYR B 75 -8.23 21.80 -29.64
CA TYR B 75 -8.88 22.54 -30.71
C TYR B 75 -10.21 21.87 -31.01
N ASP B 76 -11.23 22.69 -31.32
CA ASP B 76 -12.60 22.22 -31.47
C ASP B 76 -12.84 21.45 -32.77
N TYR B 77 -11.84 21.38 -33.65
CA TYR B 77 -12.00 20.64 -34.90
C TYR B 77 -12.00 19.16 -34.64
N ASP B 78 -13.19 18.58 -34.41
CA ASP B 78 -13.34 17.15 -34.13
C ASP B 78 -12.54 16.71 -32.90
N SER B 79 -12.60 17.52 -31.86
CA SER B 79 -11.99 17.20 -30.56
C SER B 79 -10.51 16.89 -30.70
N MET B 80 -9.76 17.89 -31.17
CA MET B 80 -8.31 17.76 -31.49
C MET B 80 -7.41 18.10 -30.29
N ILE B 81 -6.33 17.32 -30.13
CA ILE B 81 -5.30 17.49 -29.13
C ILE B 81 -3.96 17.34 -29.84
N PHE B 82 -2.96 18.13 -29.44
CA PHE B 82 -1.66 18.06 -30.09
C PHE B 82 -0.53 18.23 -29.09
N TYR B 83 0.63 17.68 -29.43
CA TYR B 83 1.84 17.78 -28.65
C TYR B 83 2.98 18.22 -29.57
N VAL B 84 4.00 18.81 -28.97
CA VAL B 84 5.22 19.20 -29.67
C VAL B 84 6.40 18.59 -28.93
N SER B 85 7.25 17.89 -29.66
CA SER B 85 8.43 17.27 -29.10
C SER B 85 9.62 18.20 -29.22
N GLU B 86 10.68 17.87 -28.51
CA GLU B 86 11.94 18.56 -28.68
C GLU B 86 12.72 17.87 -29.80
N LYS B 87 13.99 18.24 -29.95
CA LYS B 87 14.78 17.76 -31.07
C LYS B 87 14.99 16.25 -31.03
N VAL B 88 14.26 15.53 -31.88
CA VAL B 88 14.38 14.08 -32.02
C VAL B 88 14.62 13.78 -33.50
N ASP B 89 14.94 12.51 -33.77
CA ASP B 89 15.34 12.08 -35.11
C ASP B 89 14.31 11.13 -35.69
N LYS B 90 14.53 10.76 -36.94
CA LYS B 90 13.57 9.92 -37.64
C LYS B 90 13.55 8.51 -37.07
N ASN B 91 14.62 8.09 -36.41
CA ASN B 91 14.60 6.80 -35.72
C ASN B 91 13.55 6.78 -34.62
N GLU B 92 13.53 7.84 -33.79
CA GLU B 92 12.50 7.94 -32.76
C GLU B 92 11.13 8.19 -33.37
N PHE B 93 11.07 8.91 -34.49
CA PHE B 93 9.79 9.07 -35.18
C PHE B 93 9.22 7.73 -35.62
N HIS B 94 10.10 6.83 -36.09
CA HIS B 94 9.65 5.50 -36.45
C HIS B 94 9.27 4.69 -35.22
N ASN B 95 10.04 4.84 -34.13
CA ASN B 95 9.74 4.15 -32.89
C ASN B 95 8.37 4.53 -32.34
N ALA B 96 7.93 5.76 -32.57
CA ALA B 96 6.61 6.18 -32.09
C ALA B 96 5.51 5.34 -32.73
N SER B 97 5.50 5.25 -34.06
CA SER B 97 4.51 4.43 -34.73
C SER B 97 4.71 2.95 -34.41
N ASN B 98 5.95 2.54 -34.16
CA ASN B 98 6.19 1.16 -33.74
C ASN B 98 5.48 0.87 -32.42
N TYR B 99 5.55 1.79 -31.47
CA TYR B 99 4.85 1.63 -30.20
C TYR B 99 3.34 1.62 -30.39
N ILE B 100 2.83 2.51 -31.24
CA ILE B 100 1.40 2.55 -31.48
C ILE B 100 0.92 1.23 -32.07
N LYS B 101 1.73 0.62 -32.95
CA LYS B 101 1.36 -0.68 -33.49
C LYS B 101 1.48 -1.79 -32.45
N GLY B 102 2.51 -1.73 -31.61
CA GLY B 102 2.70 -2.76 -30.61
C GLY B 102 1.57 -2.82 -29.60
N THR B 103 0.99 -1.67 -29.29
CA THR B 103 -0.18 -1.66 -28.39
C THR B 103 -1.30 -2.55 -28.92
N ALA B 104 -1.69 -2.33 -30.19
CA ALA B 104 -2.77 -3.12 -30.78
C ALA B 104 -2.37 -4.58 -30.91
N GLU B 105 -1.09 -4.83 -31.21
CA GLU B 105 -0.59 -6.21 -31.27
C GLU B 105 -0.79 -6.94 -29.94
N ILE B 106 -0.42 -6.28 -28.84
CA ILE B 106 -0.53 -6.93 -27.54
C ILE B 106 -1.99 -7.11 -27.16
N TYR B 107 -2.84 -6.15 -27.51
CA TYR B 107 -4.27 -6.35 -27.24
C TYR B 107 -4.83 -7.54 -28.00
N GLN B 108 -4.42 -7.71 -29.26
CA GLN B 108 -4.85 -8.88 -30.02
C GLN B 108 -4.40 -10.17 -29.36
N ASP B 109 -3.16 -10.19 -28.87
CA ASP B 109 -2.65 -11.39 -28.21
C ASP B 109 -3.47 -11.74 -26.97
N HIS B 110 -3.79 -10.72 -26.17
CA HIS B 110 -4.60 -10.95 -24.98
C HIS B 110 -5.99 -11.46 -25.34
N LEU B 111 -6.61 -10.87 -26.36
CA LEU B 111 -7.90 -11.33 -26.84
C LEU B 111 -7.89 -12.78 -27.30
N ARG B 112 -6.85 -13.20 -28.03
CA ARG B 112 -6.70 -14.58 -28.46
C ARG B 112 -6.53 -15.56 -27.31
N GLU B 113 -5.71 -15.20 -26.31
CA GLU B 113 -5.57 -16.09 -25.15
C GLU B 113 -6.87 -16.21 -24.36
N ASN B 114 -7.68 -15.15 -24.31
CA ASN B 114 -8.99 -15.31 -23.68
C ASN B 114 -9.85 -16.35 -24.39
N ILE B 115 -9.83 -16.34 -25.73
CA ILE B 115 -10.58 -17.33 -26.49
C ILE B 115 -10.07 -18.73 -26.20
N LYS B 116 -8.74 -18.88 -26.12
CA LYS B 116 -8.16 -20.19 -25.82
C LYS B 116 -8.64 -20.70 -24.47
N LEU B 117 -8.54 -19.86 -23.44
CA LEU B 117 -8.98 -20.26 -22.10
C LEU B 117 -10.47 -20.60 -22.07
N ASP B 118 -11.29 -19.80 -22.75
CA ASP B 118 -12.72 -20.07 -22.79
C ASP B 118 -13.02 -21.39 -23.48
N LYS B 119 -12.29 -21.69 -24.56
CA LYS B 119 -12.50 -22.96 -25.26
C LYS B 119 -12.14 -24.15 -24.38
N LYS B 120 -11.02 -24.05 -23.66
CA LYS B 120 -10.67 -25.13 -22.74
C LYS B 120 -11.72 -25.28 -21.64
N ALA B 121 -12.23 -24.16 -21.13
CA ALA B 121 -13.26 -24.21 -20.09
C ALA B 121 -14.52 -24.90 -20.59
N ILE B 122 -14.98 -24.55 -21.80
CA ILE B 122 -16.20 -25.16 -22.31
C ILE B 122 -15.98 -26.63 -22.65
N SER B 123 -14.78 -26.99 -23.11
CA SER B 123 -14.49 -28.40 -23.37
C SER B 123 -14.53 -29.22 -22.08
N THR B 124 -13.97 -28.68 -21.00
CA THR B 124 -14.05 -29.39 -19.72
C THR B 124 -15.48 -29.38 -19.17
N LEU B 125 -16.24 -28.33 -19.46
CA LEU B 125 -17.63 -28.26 -19.01
C LEU B 125 -18.49 -29.34 -19.67
N GLN B 126 -18.33 -29.54 -20.97
CA GLN B 126 -19.14 -30.55 -21.65
C GLN B 126 -18.69 -31.95 -21.26
N LYS B 127 -19.21 -32.45 -20.14
CA LYS B 127 -18.80 -33.76 -19.61
C LYS B 127 -20.01 -34.44 -18.96
N ASN B 128 -20.72 -35.26 -19.74
CA ASN B 128 -21.75 -36.16 -19.24
C ASN B 128 -22.86 -35.42 -18.50
N LYS B 129 -23.60 -34.59 -19.24
CA LYS B 129 -24.74 -33.86 -18.72
C LYS B 129 -24.35 -33.06 -17.48
N SER B 130 -23.33 -32.22 -17.67
CA SER B 130 -22.85 -31.34 -16.62
C SER B 130 -23.73 -30.09 -16.56
N GLU B 131 -23.25 -29.05 -15.87
CA GLU B 131 -23.97 -27.80 -15.71
C GLU B 131 -24.67 -27.37 -16.99
N GLU B 132 -25.97 -27.16 -16.91
CA GLU B 132 -26.79 -26.76 -18.04
C GLU B 132 -27.27 -25.32 -17.86
N LYS B 133 -27.92 -24.80 -18.90
CA LYS B 133 -28.55 -23.48 -18.90
C LYS B 133 -27.48 -22.39 -18.81
N SER B 134 -26.21 -22.79 -18.94
CA SER B 134 -25.11 -21.84 -19.05
C SER B 134 -24.29 -22.04 -20.31
N ILE B 135 -24.50 -23.12 -21.05
CA ILE B 135 -23.77 -23.34 -22.29
C ILE B 135 -24.10 -22.24 -23.29
N GLU B 136 -25.38 -21.88 -23.38
CA GLU B 136 -25.77 -20.78 -24.25
C GLU B 136 -25.15 -19.46 -23.81
N ARG B 137 -25.06 -19.22 -22.49
CA ARG B 137 -24.45 -17.99 -22.00
C ARG B 137 -22.97 -17.90 -22.39
N ILE B 138 -22.20 -18.95 -22.12
CA ILE B 138 -20.79 -18.91 -22.46
C ILE B 138 -20.59 -18.87 -23.97
N LYS B 139 -21.46 -19.54 -24.74
CA LYS B 139 -21.33 -19.50 -26.19
C LYS B 139 -21.62 -18.11 -26.74
N LYS B 140 -22.64 -17.42 -26.23
CA LYS B 140 -22.91 -16.06 -26.68
C LYS B 140 -21.79 -15.11 -26.24
N GLY B 141 -21.19 -15.36 -25.07
CA GLY B 141 -20.02 -14.59 -24.70
C GLY B 141 -18.89 -14.77 -25.69
N ILE B 142 -18.61 -16.03 -26.07
CA ILE B 142 -17.58 -16.29 -27.06
C ILE B 142 -17.90 -15.61 -28.38
N ALA B 143 -19.19 -15.61 -28.75
CA ALA B 143 -19.60 -14.96 -29.99
C ALA B 143 -19.31 -13.46 -29.95
N GLU B 144 -19.62 -12.81 -28.84
CA GLU B 144 -19.31 -11.38 -28.72
C GLU B 144 -17.80 -11.14 -28.77
N MET B 145 -17.07 -11.97 -28.03
CA MET B 145 -15.58 -11.86 -27.93
C MET B 145 -14.95 -11.98 -29.32
N GLU B 146 -15.50 -12.86 -30.17
CA GLU B 146 -14.97 -13.04 -31.51
C GLU B 146 -15.49 -11.98 -32.48
N ALA B 147 -16.68 -11.43 -32.23
CA ALA B 147 -17.17 -10.33 -33.06
C ALA B 147 -16.31 -9.09 -32.90
N LYS B 148 -15.89 -8.81 -31.66
CA LYS B 148 -15.05 -7.63 -31.41
C LYS B 148 -13.57 -7.86 -31.71
N ILE B 149 -13.22 -8.92 -32.45
CA ILE B 149 -11.84 -9.24 -32.77
C ILE B 149 -11.30 -8.39 -33.93
N PRO B 150 -11.95 -8.35 -35.10
CA PRO B 150 -11.30 -7.70 -36.26
C PRO B 150 -11.13 -6.20 -36.13
N LEU B 151 -11.89 -5.54 -35.26
CA LEU B 151 -11.87 -4.08 -35.20
C LEU B 151 -10.59 -3.53 -34.59
N ALA B 152 -9.74 -4.37 -34.02
CA ALA B 152 -8.54 -3.92 -33.32
C ALA B 152 -7.31 -3.87 -34.22
N LYS B 153 -7.46 -4.05 -35.53
CA LYS B 153 -6.32 -4.00 -36.43
C LYS B 153 -5.87 -2.57 -36.65
N ILE B 154 -4.56 -2.37 -36.71
CA ILE B 154 -3.98 -1.05 -36.94
C ILE B 154 -3.61 -0.92 -38.41
N TYR B 155 -4.19 0.07 -39.09
CA TYR B 155 -4.00 0.26 -40.52
C TYR B 155 -3.28 1.58 -40.76
N GLU B 156 -2.32 1.58 -41.68
CA GLU B 156 -1.55 2.77 -41.99
C GLU B 156 -2.07 3.40 -43.28
N HIS B 157 -1.89 4.72 -43.38
CA HIS B 157 -2.33 5.48 -44.54
C HIS B 157 -1.18 6.31 -45.07
N ASP B 158 -1.39 6.91 -46.25
CA ASP B 158 -0.41 7.77 -46.88
C ASP B 158 -0.87 9.22 -46.97
N LEU B 159 -2.01 9.46 -47.61
CA LEU B 159 -2.65 10.78 -47.75
C LEU B 159 -1.80 11.76 -48.54
N GLY B 160 -0.70 11.32 -49.13
CA GLY B 160 0.13 12.22 -49.94
C GLY B 160 0.74 13.37 -49.16
N ILE B 161 1.27 13.09 -47.99
CA ILE B 161 1.84 14.10 -47.11
C ILE B 161 3.31 13.77 -46.91
N PRO B 162 4.22 14.73 -47.08
CA PRO B 162 5.65 14.42 -46.94
C PRO B 162 6.00 14.05 -45.50
N ASP B 163 6.51 12.83 -45.33
CA ASP B 163 7.03 12.35 -44.06
C ASP B 163 5.95 12.39 -42.97
N SER B 164 4.90 11.60 -43.18
CA SER B 164 3.79 11.51 -42.26
C SER B 164 3.48 10.04 -41.99
N HIS B 165 3.51 9.64 -40.72
CA HIS B 165 3.07 8.31 -40.28
C HIS B 165 1.64 8.43 -39.78
N ILE B 166 0.70 8.49 -40.73
CA ILE B 166 -0.72 8.62 -40.42
C ILE B 166 -1.32 7.23 -40.27
N LEU B 167 -2.12 7.04 -39.23
CA LEU B 167 -2.73 5.77 -38.86
C LEU B 167 -4.25 5.90 -38.92
N GLY B 168 -4.94 4.88 -38.42
CA GLY B 168 -6.39 4.93 -38.34
C GLY B 168 -7.00 3.55 -38.38
N SER B 169 -8.33 3.55 -38.50
CA SER B 169 -9.11 2.31 -38.54
C SER B 169 -9.25 1.82 -39.97
N LYS B 170 -10.21 0.91 -40.18
CA LYS B 170 -10.44 0.35 -41.52
C LYS B 170 -10.72 1.43 -42.55
N ASN B 171 -11.64 2.34 -42.24
CA ASN B 171 -11.98 3.43 -43.16
C ASN B 171 -11.69 4.80 -42.58
N ILE B 172 -11.96 5.00 -41.29
CA ILE B 172 -11.83 6.31 -40.66
C ILE B 172 -10.42 6.44 -40.07
N PRO B 173 -9.63 7.40 -40.54
CA PRO B 173 -8.27 7.57 -40.01
C PRO B 173 -8.22 8.56 -38.84
N PHE B 174 -7.18 8.39 -38.03
CA PHE B 174 -6.82 9.30 -36.94
C PHE B 174 -5.42 8.98 -36.43
N HIS B 175 -4.97 9.66 -35.37
CA HIS B 175 -3.60 9.58 -34.87
C HIS B 175 -2.56 10.10 -35.86
N VAL B 176 -2.61 11.40 -36.18
CA VAL B 176 -1.70 11.99 -37.14
C VAL B 176 -0.29 12.08 -36.56
N LEU B 177 0.73 11.98 -37.42
CA LEU B 177 2.12 12.14 -37.05
C LEU B 177 2.83 13.02 -38.08
N LEU B 178 3.87 13.74 -37.63
CA LEU B 178 4.63 14.63 -38.50
C LEU B 178 6.05 14.74 -37.98
N TRP B 179 6.95 15.20 -38.86
CA TRP B 179 8.37 15.37 -38.49
C TRP B 179 8.96 16.48 -39.35
N ARG B 180 9.08 17.68 -38.77
CA ARG B 180 9.65 18.83 -39.45
C ARG B 180 10.61 19.54 -38.52
N ASN B 181 11.78 19.91 -39.03
CA ASN B 181 12.80 20.61 -38.25
C ASN B 181 13.12 19.86 -36.97
N GLN B 182 13.23 18.53 -37.07
CA GLN B 182 13.52 17.66 -35.95
C GLN B 182 12.47 17.76 -34.84
N ARG B 183 11.21 17.95 -35.22
CA ARG B 183 10.10 18.03 -34.29
C ARG B 183 9.09 16.92 -34.58
N VAL B 184 8.12 16.76 -33.69
CA VAL B 184 7.02 15.81 -33.85
C VAL B 184 5.71 16.54 -33.60
N TYR B 185 4.76 16.36 -34.52
CA TYR B 185 3.42 16.91 -34.39
C TYR B 185 2.40 15.78 -34.44
N TYR B 186 1.77 15.51 -33.30
CA TYR B 186 0.78 14.43 -33.20
C TYR B 186 -0.60 15.06 -33.05
N PHE B 187 -1.53 14.67 -33.91
CA PHE B 187 -2.87 15.24 -33.92
C PHE B 187 -3.89 14.11 -33.86
N THR B 188 -4.61 14.01 -32.75
CA THR B 188 -5.61 12.97 -32.58
C THR B 188 -6.99 13.58 -32.42
N PHE B 189 -8.00 12.85 -32.89
CA PHE B 189 -9.38 13.31 -32.89
C PHE B 189 -10.25 12.22 -32.29
N SER B 190 -11.05 12.57 -31.29
CA SER B 190 -11.80 11.54 -30.57
C SER B 190 -13.02 11.08 -31.36
N LYS B 191 -13.60 11.95 -32.18
CA LYS B 191 -14.82 11.63 -32.93
C LYS B 191 -14.63 11.95 -34.42
N PRO B 192 -13.75 11.22 -35.11
CA PRO B 192 -13.66 11.39 -36.56
C PRO B 192 -14.83 10.74 -37.29
N THR B 193 -15.38 11.43 -38.27
CA THR B 193 -16.50 10.91 -39.05
C THR B 193 -15.98 10.22 -40.31
N GLU B 194 -16.87 9.96 -41.27
CA GLU B 194 -16.47 9.25 -42.48
C GLU B 194 -15.49 10.07 -43.31
N ASN B 195 -15.50 11.39 -43.19
CA ASN B 195 -14.60 12.27 -43.93
C ASN B 195 -13.39 12.70 -43.10
N SER B 196 -12.91 11.81 -42.23
CA SER B 196 -11.81 12.17 -41.33
C SER B 196 -10.53 12.47 -42.11
N ALA B 197 -10.23 11.68 -43.15
CA ALA B 197 -9.04 11.95 -43.93
C ALA B 197 -9.12 13.32 -44.59
N GLN B 198 -10.28 13.64 -45.17
CA GLN B 198 -10.50 14.96 -45.76
C GLN B 198 -10.24 16.06 -44.73
N ARG B 199 -10.85 15.94 -43.55
CA ARG B 199 -10.72 17.00 -42.55
C ARG B 199 -9.29 17.13 -42.07
N ILE B 200 -8.61 16.01 -41.80
CA ILE B 200 -7.26 16.12 -41.25
C ILE B 200 -6.27 16.60 -42.30
N LYS B 201 -6.48 16.24 -43.57
CA LYS B 201 -5.58 16.76 -44.60
C LYS B 201 -5.82 18.24 -44.85
N ASP B 202 -7.07 18.71 -44.73
CA ASP B 202 -7.31 20.15 -44.73
C ASP B 202 -6.58 20.82 -43.57
N LEU B 203 -6.67 20.24 -42.37
CA LEU B 203 -6.05 20.85 -41.21
C LEU B 203 -4.54 20.92 -41.34
N ILE B 204 -3.91 19.84 -41.80
CA ILE B 204 -2.46 19.86 -41.93
C ILE B 204 -2.02 20.68 -43.13
N ALA B 205 -2.91 20.89 -44.10
CA ALA B 205 -2.63 21.87 -45.15
C ALA B 205 -2.59 23.28 -44.57
N ARG B 206 -3.50 23.57 -43.64
CA ARG B 206 -3.47 24.87 -42.98
C ARG B 206 -2.35 24.97 -41.93
N PHE B 207 -1.78 23.84 -41.50
CA PHE B 207 -0.70 23.86 -40.54
C PHE B 207 0.59 24.38 -41.17
N ARG B 208 1.40 25.05 -40.35
CA ARG B 208 2.65 25.65 -40.78
C ARG B 208 3.62 25.69 -39.61
N THR B 209 4.89 25.36 -39.88
CA THR B 209 5.90 25.39 -38.84
C THR B 209 6.25 26.83 -38.48
N ARG B 210 6.92 27.01 -37.34
CA ARG B 210 7.20 28.34 -36.83
C ARG B 210 8.44 28.25 -35.96
N GLU B 211 9.02 29.40 -35.65
CA GLU B 211 10.30 29.46 -34.95
C GLU B 211 10.20 30.37 -33.74
N LEU B 212 11.08 30.11 -32.77
CA LEU B 212 11.12 30.92 -31.55
C LEU B 212 11.38 32.38 -31.87
N TYR B 213 10.71 33.27 -31.13
CA TYR B 213 10.78 34.71 -31.31
C TYR B 213 10.27 35.16 -32.67
N GLU B 214 9.38 34.38 -33.28
CA GLU B 214 8.69 34.75 -34.52
C GLU B 214 7.19 34.77 -34.26
N VAL B 215 6.54 35.87 -34.62
CA VAL B 215 5.11 36.04 -34.42
C VAL B 215 4.46 36.38 -35.76
N PRO B 216 3.49 35.62 -36.22
CA PRO B 216 2.84 35.91 -37.51
C PRO B 216 1.86 37.08 -37.37
N ASN B 217 1.24 37.44 -38.49
CA ASN B 217 0.37 38.60 -38.57
C ASN B 217 -1.03 38.24 -39.05
N GLU B 218 -1.48 37.02 -38.78
CA GLU B 218 -2.80 36.58 -39.16
C GLU B 218 -3.44 35.78 -38.03
N PRO B 219 -4.77 35.71 -37.99
CA PRO B 219 -5.44 34.93 -36.94
C PRO B 219 -5.05 33.46 -37.01
N GLY B 220 -4.96 32.83 -35.84
CA GLY B 220 -4.68 31.41 -35.77
C GLY B 220 -4.41 30.90 -34.37
N ILE B 221 -3.54 29.91 -34.24
CA ILE B 221 -3.16 29.35 -32.96
C ILE B 221 -1.63 29.36 -32.83
N CYS B 222 -1.16 29.85 -31.68
CA CYS B 222 0.29 29.96 -31.40
C CYS B 222 0.74 28.98 -30.31
N PHE B 223 1.49 27.94 -30.68
CA PHE B 223 2.09 27.05 -29.70
C PHE B 223 3.56 26.91 -30.06
N PRO B 224 4.41 26.52 -29.10
CA PRO B 224 5.85 26.53 -29.34
C PRO B 224 6.23 25.81 -30.64
N TYR B 225 6.81 26.58 -31.56
CA TYR B 225 7.29 26.09 -32.86
C TYR B 225 6.13 25.57 -33.71
N GLY B 226 5.06 26.34 -33.80
CA GLY B 226 3.95 25.96 -34.65
C GLY B 226 2.90 27.04 -34.73
N PHE B 227 2.11 26.98 -35.80
CA PHE B 227 1.02 27.92 -36.01
C PHE B 227 0.09 27.36 -37.07
N ILE B 228 -1.21 27.33 -36.75
CA ILE B 228 -2.25 26.96 -37.70
C ILE B 228 -3.19 28.14 -37.87
N ALA B 229 -3.28 28.66 -39.10
CA ALA B 229 -4.15 29.78 -39.38
C ALA B 229 -5.59 29.32 -39.60
N ASP B 230 -6.54 30.16 -39.22
CA ASP B 230 -7.95 29.84 -39.41
C ASP B 230 -8.72 31.16 -39.55
N ASP B 231 -10.03 31.10 -39.33
CA ASP B 231 -10.85 32.31 -39.32
C ASP B 231 -10.74 33.07 -38.00
N GLY B 232 -10.12 32.48 -36.98
CA GLY B 232 -9.93 33.16 -35.71
C GLY B 232 -11.11 33.13 -34.78
N LYS B 233 -12.01 32.15 -34.92
CA LYS B 233 -13.19 32.08 -34.09
C LYS B 233 -13.44 30.72 -33.45
N THR B 234 -12.86 29.63 -33.97
CA THR B 234 -13.11 28.31 -33.43
C THR B 234 -12.40 28.14 -32.08
N ALA B 235 -13.06 27.43 -31.16
CA ALA B 235 -12.61 27.36 -29.78
C ALA B 235 -11.26 26.69 -29.64
N TYR B 236 -10.53 27.06 -28.59
CA TYR B 236 -9.18 26.57 -28.36
C TYR B 236 -8.91 26.55 -26.86
N GLU B 237 -7.86 25.82 -26.49
CA GLU B 237 -7.43 25.73 -25.09
C GLU B 237 -5.99 25.25 -25.06
N LEU B 238 -5.06 26.11 -24.67
CA LEU B 238 -3.65 25.77 -24.64
C LEU B 238 -3.07 26.07 -23.27
N LYS B 239 -2.02 25.34 -22.92
CA LYS B 239 -1.32 25.55 -21.66
C LYS B 239 0.12 25.10 -21.83
N ASN B 240 1.05 25.93 -21.36
CA ASN B 240 2.47 25.61 -21.45
C ASN B 240 3.19 26.30 -20.30
N SER B 241 4.44 25.88 -20.07
CA SER B 241 5.25 26.42 -19.00
C SER B 241 6.42 27.19 -19.59
N LEU B 242 6.94 28.12 -18.80
CA LEU B 242 7.93 29.08 -19.27
C LEU B 242 8.97 29.26 -18.17
N ARG B 243 10.21 29.55 -18.55
CA ARG B 243 11.30 29.69 -17.59
C ARG B 243 12.40 30.58 -18.16
N PHE B 244 12.89 31.52 -17.35
CA PHE B 244 14.01 32.36 -17.77
C PHE B 244 15.31 31.56 -17.72
N THR B 245 16.14 31.71 -18.75
CA THR B 245 17.41 30.99 -18.78
C THR B 245 18.39 31.51 -17.74
N ARG B 246 18.15 32.70 -17.20
CA ARG B 246 19.02 33.22 -16.14
C ARG B 246 18.72 32.54 -14.80
N THR B 247 17.44 32.28 -14.52
CA THR B 247 17.00 31.73 -13.23
C THR B 247 16.22 30.44 -13.47
N PRO B 248 16.92 29.31 -13.61
CA PRO B 248 16.22 28.05 -13.86
C PRO B 248 15.48 27.49 -12.65
N ASN B 249 15.68 28.04 -11.46
CA ASN B 249 15.02 27.51 -10.26
C ASN B 249 13.54 27.89 -10.21
N VAL B 250 13.11 28.84 -11.03
CA VAL B 250 11.76 29.37 -10.99
C VAL B 250 11.16 29.24 -12.38
N ILE B 251 9.94 28.69 -12.46
CA ILE B 251 9.25 28.56 -13.73
C ILE B 251 7.88 29.21 -13.64
N PHE B 252 7.35 29.58 -14.80
CA PHE B 252 6.02 30.16 -14.94
C PHE B 252 5.28 29.35 -15.99
N SER B 253 4.04 28.99 -15.70
CA SER B 253 3.23 28.24 -16.65
C SER B 253 2.07 29.11 -17.10
N LEU B 254 1.94 29.26 -18.42
CA LEU B 254 0.93 30.12 -19.02
C LEU B 254 -0.27 29.29 -19.45
N LEU B 255 -1.46 29.81 -19.15
CA LEU B 255 -2.71 29.13 -19.43
C LEU B 255 -3.60 30.05 -20.25
N THR B 256 -4.07 29.56 -21.39
CA THR B 256 -4.93 30.33 -22.28
C THR B 256 -6.07 29.46 -22.80
N ALA B 257 -7.24 30.05 -22.98
CA ALA B 257 -8.40 29.32 -23.45
C ALA B 257 -9.39 30.32 -24.04
N SER B 258 -10.31 29.81 -24.86
CA SER B 258 -11.34 30.68 -25.42
C SER B 258 -12.41 30.97 -24.37
N ALA B 259 -13.40 31.78 -24.76
CA ALA B 259 -14.50 32.07 -23.85
C ALA B 259 -15.59 31.02 -23.98
N ASN B 260 -15.99 30.45 -22.84
CA ASN B 260 -17.06 29.46 -22.77
C ASN B 260 -16.76 28.25 -23.65
N ASP B 261 -15.60 27.66 -23.42
CA ASP B 261 -15.15 26.51 -24.19
C ASP B 261 -15.85 25.24 -23.72
N PRO B 262 -15.90 24.22 -24.58
CA PRO B 262 -16.55 22.96 -24.19
C PRO B 262 -15.83 22.19 -23.09
N TRP B 263 -14.60 22.58 -22.71
CA TRP B 263 -13.90 21.83 -21.67
C TRP B 263 -13.99 22.54 -20.32
N GLN B 264 -14.37 23.81 -20.32
CA GLN B 264 -14.43 24.67 -19.13
C GLN B 264 -13.24 24.42 -18.18
N THR B 265 -12.04 24.68 -18.69
CA THR B 265 -10.83 24.51 -17.90
C THR B 265 -10.75 25.54 -16.78
N ARG B 266 -10.27 25.09 -15.62
CA ARG B 266 -10.21 25.94 -14.44
C ARG B 266 -8.83 26.61 -14.32
N PRO B 267 -8.74 27.71 -13.58
CA PRO B 267 -7.45 28.39 -13.42
C PRO B 267 -6.35 27.54 -12.79
N THR B 268 -6.68 26.63 -11.88
CA THR B 268 -5.63 25.85 -11.23
C THR B 268 -5.10 24.76 -12.16
N SER B 269 -5.95 23.79 -12.48
CA SER B 269 -5.70 22.81 -13.55
C SER B 269 -4.31 22.17 -13.44
N GLY B 270 -4.13 21.37 -12.40
CA GLY B 270 -2.91 20.60 -12.28
C GLY B 270 -2.14 20.82 -11.00
N LEU B 271 -2.80 21.38 -9.99
CA LEU B 271 -2.12 21.69 -8.74
C LEU B 271 -2.46 20.74 -7.60
N TYR B 272 -3.67 20.17 -7.58
CA TYR B 272 -4.04 19.05 -6.71
C TYR B 272 -3.98 19.38 -5.22
N ASP B 273 -4.05 20.66 -4.86
CA ASP B 273 -4.19 21.08 -3.46
C ASP B 273 -3.07 20.56 -2.57
N SER B 274 -1.95 20.19 -3.16
CA SER B 274 -0.73 19.85 -2.44
C SER B 274 0.33 20.92 -2.55
N ASP B 275 0.41 21.60 -3.68
CA ASP B 275 1.31 22.75 -3.81
C ASP B 275 0.76 23.97 -3.09
N PHE B 276 -0.53 24.01 -2.81
CA PHE B 276 -1.09 25.08 -1.99
C PHE B 276 -0.64 24.99 -0.55
N ARG B 277 -0.57 23.78 0.01
CA ARG B 277 -0.28 23.56 1.42
C ARG B 277 0.83 22.52 1.53
N PRO B 278 2.08 22.95 1.32
CA PRO B 278 3.19 22.01 1.38
C PRO B 278 3.49 21.58 2.81
N GLY B 279 4.21 20.47 2.92
CA GLY B 279 4.68 19.98 4.20
C GLY B 279 6.12 20.38 4.44
N TYR B 280 6.41 20.74 5.68
CA TYR B 280 7.76 21.12 6.08
C TYR B 280 7.85 21.02 7.60
N ASP B 281 9.09 20.99 8.10
CA ASP B 281 9.32 20.98 9.54
C ASP B 281 9.43 22.42 10.03
N ARG B 282 8.59 22.78 11.01
CA ARG B 282 8.60 24.14 11.52
C ARG B 282 9.90 24.47 12.26
N GLN B 283 10.72 23.46 12.54
CA GLN B 283 11.92 23.68 13.34
C GLN B 283 12.95 24.52 12.59
N LYS B 284 13.06 24.32 11.27
CA LYS B 284 14.16 24.92 10.51
C LYS B 284 13.71 25.88 9.41
N TRP B 285 12.41 25.95 9.12
CA TRP B 285 11.89 26.90 8.15
C TRP B 285 10.60 27.52 8.67
N LYS B 286 10.26 28.67 8.11
CA LYS B 286 9.07 29.44 8.49
C LYS B 286 8.32 29.82 7.23
N LYS B 287 6.99 29.70 7.26
CA LYS B 287 6.18 30.00 6.09
C LYS B 287 5.26 31.18 6.35
N SER B 288 4.87 31.84 5.27
CA SER B 288 4.02 33.01 5.34
C SER B 288 3.23 33.12 4.04
N ALA B 289 2.16 33.90 4.08
CA ALA B 289 1.33 34.10 2.90
C ALA B 289 2.05 35.01 1.90
N LEU B 290 1.52 35.03 0.68
CA LEU B 290 2.09 35.82 -0.42
C LEU B 290 0.94 36.42 -1.22
N LEU B 291 0.58 37.65 -0.88
CA LEU B 291 -0.43 38.41 -1.61
C LEU B 291 0.24 39.65 -2.17
N ASP B 292 0.46 39.67 -3.48
CA ASP B 292 1.16 40.75 -4.15
C ASP B 292 0.22 41.38 -5.16
N SER B 293 0.74 42.36 -5.90
CA SER B 293 -0.01 43.08 -6.92
C SER B 293 0.65 42.85 -8.28
N LEU B 294 -0.17 42.53 -9.27
CA LEU B 294 0.33 42.22 -10.60
C LEU B 294 -0.82 42.36 -11.60
N HIS B 295 -0.67 43.28 -12.54
CA HIS B 295 -1.69 43.55 -13.54
C HIS B 295 -1.29 42.93 -14.87
N ILE B 296 -2.18 42.12 -15.44
CA ILE B 296 -1.93 41.44 -16.71
C ILE B 296 -2.58 42.24 -17.82
N GLY B 297 -1.82 42.52 -18.87
CA GLY B 297 -2.28 43.43 -19.90
C GLY B 297 -2.54 44.81 -19.34
N LYS B 298 -3.82 45.17 -19.23
CA LYS B 298 -4.23 46.40 -18.56
C LYS B 298 -4.97 46.15 -17.26
N ARG B 299 -5.83 45.13 -17.22
CA ARG B 299 -6.60 44.82 -16.03
C ARG B 299 -5.69 44.33 -14.91
N LEU B 300 -6.06 44.66 -13.68
CA LEU B 300 -5.26 44.32 -12.51
C LEU B 300 -5.68 42.96 -11.97
N ALA B 301 -4.69 42.17 -11.55
CA ALA B 301 -4.93 40.81 -11.09
C ALA B 301 -4.39 40.62 -9.68
N ALA B 302 -5.02 39.73 -8.93
CA ALA B 302 -4.53 39.35 -7.62
C ALA B 302 -3.36 38.38 -7.77
N PHE B 303 -2.75 38.02 -6.64
CA PHE B 303 -1.64 37.08 -6.65
C PHE B 303 -1.63 36.36 -5.30
N GLU B 304 -2.37 35.25 -5.22
CA GLU B 304 -2.56 34.52 -3.97
C GLU B 304 -1.71 33.25 -3.99
N GLY B 305 -0.83 33.12 -3.01
CA GLY B 305 0.04 31.97 -2.92
C GLY B 305 0.64 31.81 -1.54
N TRP B 306 1.91 31.39 -1.47
CA TRP B 306 2.57 31.22 -0.19
C TRP B 306 4.07 31.39 -0.38
N ARG B 307 4.77 31.52 0.74
CA ARG B 307 6.21 31.70 0.75
C ARG B 307 6.81 30.87 1.89
N LEU B 308 7.98 30.28 1.64
CA LEU B 308 8.70 29.50 2.65
C LEU B 308 10.03 30.17 2.94
N ASP B 309 10.26 30.53 4.20
CA ASP B 309 11.43 31.29 4.59
C ASP B 309 12.23 30.54 5.65
N PRO B 310 13.55 30.51 5.52
CA PRO B 310 14.37 29.88 6.55
C PRO B 310 14.41 30.71 7.82
N ARG B 311 14.75 30.05 8.92
CA ARG B 311 14.82 30.67 10.23
C ARG B 311 16.28 30.90 10.63
N PRO B 312 16.54 31.98 11.37
CA PRO B 312 17.94 32.30 11.71
C PRO B 312 18.49 31.50 12.86
N ASP B 313 17.75 30.49 13.32
CA ASP B 313 18.22 29.66 14.42
C ASP B 313 19.48 28.90 14.05
N SER B 314 19.53 28.37 12.83
CA SER B 314 20.70 27.62 12.36
C SER B 314 20.85 27.85 10.86
N GLY B 315 21.93 27.32 10.30
CA GLY B 315 22.20 27.51 8.89
C GLY B 315 21.17 26.86 7.99
N GLU B 316 20.32 27.68 7.36
CA GLU B 316 19.29 27.20 6.44
C GLU B 316 19.26 28.16 5.26
N ARG B 317 19.76 27.72 4.12
CA ARG B 317 19.77 28.53 2.90
C ARG B 317 19.05 27.75 1.82
N GLU B 318 17.72 27.83 1.84
CA GLU B 318 16.86 27.21 0.84
C GLU B 318 15.52 27.91 0.87
N ARG B 319 14.89 28.01 -0.29
CA ARG B 319 13.64 28.74 -0.39
C ARG B 319 12.69 28.01 -1.35
N ALA B 320 11.42 28.40 -1.28
CA ALA B 320 10.38 27.88 -2.15
C ALA B 320 9.13 28.74 -1.95
N TRP B 321 8.38 28.92 -3.03
CA TRP B 321 7.15 29.69 -2.96
C TRP B 321 6.28 29.34 -4.17
N PHE B 322 5.03 29.80 -4.12
CA PHE B 322 4.03 29.49 -5.12
C PHE B 322 3.09 30.69 -5.25
N GLY B 323 2.51 30.86 -6.42
CA GLY B 323 1.57 31.94 -6.65
C GLY B 323 0.77 31.70 -7.92
N LEU B 324 -0.38 32.35 -7.99
CA LEU B 324 -1.27 32.12 -9.12
C LEU B 324 -2.14 33.37 -9.34
N ALA B 325 -2.22 33.80 -10.60
CA ALA B 325 -3.04 34.92 -11.01
C ALA B 325 -3.80 34.52 -12.27
N HIS B 326 -5.12 34.76 -12.29
CA HIS B 326 -5.96 34.12 -13.30
C HIS B 326 -7.08 35.03 -13.80
N THR B 327 -6.84 36.33 -13.89
CA THR B 327 -7.90 37.26 -14.29
C THR B 327 -8.40 36.96 -15.70
N GLY B 328 -9.72 36.90 -15.85
CA GLY B 328 -10.35 36.75 -17.15
C GLY B 328 -11.13 35.46 -17.29
N GLY B 329 -11.83 35.36 -18.42
CA GLY B 329 -12.47 34.11 -18.80
C GLY B 329 -13.92 34.19 -19.20
N THR B 330 -14.72 35.01 -18.50
CA THR B 330 -16.16 34.99 -18.72
C THR B 330 -16.54 35.53 -20.10
N LEU B 331 -15.86 36.58 -20.55
CA LEU B 331 -16.07 37.13 -21.89
C LEU B 331 -14.81 37.17 -22.73
N ASP B 332 -13.70 37.59 -22.15
CA ASP B 332 -12.41 37.56 -22.81
C ASP B 332 -11.73 36.20 -22.58
N PRO B 333 -10.72 35.87 -23.38
CA PRO B 333 -10.01 34.61 -23.15
C PRO B 333 -9.41 34.55 -21.75
N LEU B 334 -9.47 33.36 -21.16
CA LEU B 334 -8.93 33.16 -19.82
C LEU B 334 -7.41 33.14 -19.85
N VAL B 335 -6.78 33.94 -18.99
CA VAL B 335 -5.33 34.02 -18.90
C VAL B 335 -4.93 33.77 -17.46
N ALA B 336 -4.09 32.76 -17.23
CA ALA B 336 -3.66 32.39 -15.89
C ALA B 336 -2.15 32.20 -15.86
N ILE B 337 -1.52 32.70 -14.81
CA ILE B 337 -0.08 32.61 -14.63
C ILE B 337 0.19 31.89 -13.31
N GLN B 338 0.94 30.79 -13.38
CA GLN B 338 1.22 29.96 -12.20
C GLN B 338 2.71 29.91 -12.00
N VAL B 339 3.17 30.35 -10.82
CA VAL B 339 4.59 30.42 -10.49
C VAL B 339 4.92 29.30 -9.52
N GLN B 340 5.96 28.54 -9.83
CA GLN B 340 6.34 27.37 -9.06
C GLN B 340 7.85 27.24 -9.04
N THR B 341 8.41 27.05 -7.85
CA THR B 341 9.85 27.01 -7.66
C THR B 341 10.32 25.58 -7.40
N PHE B 342 11.56 25.30 -7.78
CA PHE B 342 12.14 23.97 -7.65
C PHE B 342 13.44 24.06 -6.87
N GLN B 343 13.60 23.15 -5.91
CA GLN B 343 14.71 23.21 -4.96
C GLN B 343 16.03 22.89 -5.64
N LYS B 344 17.11 23.33 -5.00
CA LYS B 344 18.45 23.07 -5.53
C LYS B 344 18.77 21.58 -5.47
N GLY B 345 19.42 21.08 -6.52
CA GLY B 345 19.86 19.70 -6.56
C GLY B 345 18.82 18.71 -7.03
N THR B 346 17.60 19.14 -7.35
CA THR B 346 16.61 18.22 -7.88
C THR B 346 17.00 17.69 -9.24
N ASP B 347 17.84 18.42 -9.95
CA ASP B 347 18.20 18.08 -11.32
C ASP B 347 19.54 18.75 -11.63
N ASP B 348 19.82 18.95 -12.92
CA ASP B 348 21.06 19.57 -13.35
C ASP B 348 21.24 20.96 -12.76
N LEU B 349 20.14 21.62 -12.37
CA LEU B 349 20.25 22.95 -11.79
C LEU B 349 21.03 22.89 -10.47
N THR B 350 21.98 23.81 -10.31
CA THR B 350 22.88 23.83 -9.16
C THR B 350 22.97 25.21 -8.53
N ASP B 351 21.86 25.92 -8.41
CA ASP B 351 21.83 27.26 -7.86
C ASP B 351 20.76 27.35 -6.78
N TYR B 352 20.98 28.22 -5.81
CA TYR B 352 20.01 28.41 -4.73
C TYR B 352 18.78 29.12 -5.26
N THR B 353 17.65 28.92 -4.58
CA THR B 353 16.42 29.57 -5.01
C THR B 353 16.43 31.03 -4.60
N PRO B 354 16.34 31.97 -5.54
CA PRO B 354 16.28 33.39 -5.18
C PRO B 354 14.98 33.71 -4.47
N PRO B 355 14.99 34.72 -3.60
CA PRO B 355 13.75 35.15 -2.93
C PRO B 355 12.77 35.73 -3.94
N PRO B 356 11.47 35.73 -3.64
CA PRO B 356 10.50 36.22 -4.62
C PRO B 356 10.77 37.64 -5.10
N GLU B 357 11.10 38.55 -4.18
CA GLU B 357 11.29 39.95 -4.55
C GLU B 357 12.41 40.14 -5.56
N GLU B 358 13.29 39.16 -5.72
CA GLU B 358 14.33 39.25 -6.74
C GLU B 358 13.78 39.06 -8.15
N VAL B 359 12.79 38.17 -8.31
CA VAL B 359 12.34 37.77 -9.64
C VAL B 359 10.95 38.30 -10.01
N LEU B 360 10.14 38.68 -9.02
CA LEU B 360 8.83 39.27 -9.31
C LEU B 360 8.87 40.51 -10.21
N PRO B 361 9.86 41.42 -10.12
CA PRO B 361 9.85 42.54 -11.09
C PRO B 361 9.84 42.10 -12.54
N ARG B 362 10.59 41.05 -12.88
CA ARG B 362 10.60 40.59 -14.26
C ARG B 362 9.26 39.96 -14.64
N LEU B 363 8.63 39.27 -13.71
CA LEU B 363 7.29 38.73 -13.97
C LEU B 363 6.29 39.85 -14.18
N LYS B 364 6.42 40.94 -13.42
CA LYS B 364 5.58 42.11 -13.62
C LYS B 364 5.80 42.71 -15.00
N ALA B 365 7.07 42.77 -15.43
CA ALA B 365 7.37 43.29 -16.75
C ALA B 365 6.77 42.42 -17.85
N LEU B 366 6.84 41.10 -17.69
CA LEU B 366 6.27 40.20 -18.69
C LEU B 366 4.75 40.29 -18.72
N SER B 367 4.11 40.34 -17.55
CA SER B 367 2.66 40.24 -17.47
C SER B 367 1.98 41.46 -18.06
N GLN B 368 2.63 42.62 -18.03
CA GLN B 368 1.98 43.84 -18.49
C GLN B 368 1.92 43.94 -20.02
N SER B 369 2.65 43.08 -20.73
CA SER B 369 2.75 43.19 -22.18
C SER B 369 1.91 42.17 -22.92
N ILE B 370 1.01 41.47 -22.23
CA ILE B 370 0.18 40.43 -22.84
C ILE B 370 -1.01 41.08 -23.51
N GLU B 371 -1.19 40.81 -24.81
CA GLU B 371 -2.34 41.30 -25.54
C GLU B 371 -2.79 40.25 -26.53
N GLN B 372 -4.07 40.30 -26.89
CA GLN B 372 -4.68 39.29 -27.75
C GLN B 372 -4.50 39.69 -29.21
N ARG B 373 -3.55 39.05 -29.88
CA ARG B 373 -3.27 39.29 -31.29
C ARG B 373 -3.01 40.76 -31.60
#